data_6LO2
#
_entry.id   6LO2
#
_cell.length_a   93.310
_cell.length_b   178.180
_cell.length_c   50.460
_cell.angle_alpha   90.000
_cell.angle_beta   90.000
_cell.angle_gamma   90.000
#
_symmetry.space_group_name_H-M   'P 21 21 2'
#
loop_
_entity.id
_entity.type
_entity.pdbx_description
1 polymer 'Polycomb protein EED'
2 polymer 'Histone-lysine N-methyltransferase EZH2'
3 non-polymer 8-[4-[(dimethylamino)methyl]phenyl]-N-[(2-methoxyphenyl)methyl]-[1,2,4]triazolo[4,3-a]pyridin-5-amine
4 water water
#
loop_
_entity_poly.entity_id
_entity_poly.type
_entity_poly.pdbx_seq_one_letter_code
_entity_poly.pdbx_strand_id
1 'polypeptide(L)'
;GKKCKYSFKCVNSLKEDHNQPLFGVQFNWHSKEGDPLVFATVGSNRVTLYECHSQGEIRLLQSYVDADADENFYTCAWTY
DSNTSHPLLAVAGSRGIIRIINPITMQCIKHYVGHGNAINELKFHPRDPNLLLSVSKDHALRLWNIQTDTLVAIFGGVEG
HRDEVLSADYDLLGEKIMSCGMDHSLKLWRINSKRMMNAIKESYDYNPNKTNRPFISQKIHFPDFSTRDIHRNYVDCVRW
LGDLILSKSCENAIVCWKPGKMEDDIDKIKPSESNVTILGRFDYSQCDIWYMRFSMDFWQKMLALGNQVGKLYVWDLEVE
DPHKAKCTTLTHHKCGAAIRQTSFSRDSSILIAVCDDASIWRWDRLR
;
A,B
2 'polypeptide(L)' SMFSSNRQKILERTEILNQEWKQRRIQPV C,D
#
# COMPACT_ATOMS: atom_id res chain seq x y z
N LYS A 3 20.77 -31.33 -16.02
CA LYS A 3 21.96 -31.54 -15.20
C LYS A 3 22.19 -30.39 -14.21
N CYS A 4 22.56 -30.71 -12.95
CA CYS A 4 22.84 -29.71 -11.92
C CYS A 4 24.30 -29.27 -11.92
N LYS A 5 24.50 -27.96 -11.76
CA LYS A 5 25.80 -27.29 -11.73
C LYS A 5 26.31 -26.93 -10.32
N TYR A 6 25.40 -26.73 -9.35
CA TYR A 6 25.71 -26.26 -8.00
C TYR A 6 26.72 -27.12 -7.22
N SER A 7 27.82 -26.48 -6.81
CA SER A 7 28.91 -27.06 -6.03
C SER A 7 29.13 -26.23 -4.77
N PHE A 8 29.46 -26.90 -3.69
CA PHE A 8 29.69 -26.26 -2.41
C PHE A 8 30.89 -26.90 -1.77
N LYS A 9 31.50 -26.19 -0.81
CA LYS A 9 32.60 -26.72 -0.02
C LYS A 9 32.40 -26.37 1.45
N CYS A 10 32.73 -27.30 2.33
CA CYS A 10 32.56 -27.04 3.75
C CYS A 10 33.75 -26.26 4.24
N VAL A 11 33.50 -25.01 4.61
CA VAL A 11 34.52 -24.07 5.05
C VAL A 11 34.66 -23.98 6.55
N ASN A 12 33.62 -24.37 7.30
CA ASN A 12 33.68 -24.27 8.76
C ASN A 12 32.61 -25.08 9.48
N SER A 13 32.83 -25.28 10.78
CA SER A 13 31.91 -25.95 11.67
C SER A 13 32.20 -25.55 13.11
N LEU A 14 31.18 -25.56 13.94
CA LEU A 14 31.34 -25.31 15.37
C LEU A 14 30.29 -26.07 16.17
N LYS A 15 30.51 -26.25 17.48
CA LYS A 15 29.61 -26.91 18.40
C LYS A 15 29.18 -25.85 19.38
N GLU A 16 27.88 -25.78 19.70
CA GLU A 16 27.39 -24.82 20.69
C GLU A 16 27.65 -25.46 22.06
N ASP A 17 28.02 -24.65 23.07
CA ASP A 17 28.45 -25.14 24.39
C ASP A 17 27.39 -25.97 25.18
N HIS A 18 26.08 -25.75 24.93
CA HIS A 18 25.00 -26.47 25.61
C HIS A 18 24.92 -27.98 25.26
N ASN A 19 25.47 -28.38 24.09
CA ASN A 19 25.51 -29.77 23.58
C ASN A 19 24.13 -30.38 23.26
N GLN A 20 23.08 -29.54 23.23
CA GLN A 20 21.73 -29.98 22.98
C GLN A 20 21.40 -29.91 21.51
N PRO A 21 20.44 -30.76 21.03
CA PRO A 21 20.09 -30.71 19.60
C PRO A 21 19.66 -29.33 19.12
N LEU A 22 20.08 -28.94 17.89
CA LEU A 22 19.67 -27.67 17.28
C LEU A 22 18.53 -27.99 16.32
N PHE A 23 17.35 -27.41 16.56
CA PHE A 23 16.18 -27.75 15.76
C PHE A 23 15.84 -26.75 14.69
N GLY A 24 16.35 -25.54 14.82
CA GLY A 24 16.09 -24.46 13.88
C GLY A 24 17.32 -23.64 13.53
N VAL A 25 17.31 -23.11 12.33
CA VAL A 25 18.33 -22.24 11.75
C VAL A 25 17.64 -21.49 10.67
N GLN A 26 17.83 -20.18 10.70
CA GLN A 26 17.27 -19.27 9.73
C GLN A 26 18.22 -18.13 9.48
N PHE A 27 18.54 -17.88 8.22
CA PHE A 27 19.25 -16.68 7.82
C PHE A 27 18.21 -15.53 7.85
N ASN A 28 18.68 -14.30 8.13
CA ASN A 28 17.82 -13.12 8.11
C ASN A 28 17.78 -12.59 6.68
N TRP A 29 16.76 -12.95 5.91
CA TRP A 29 16.60 -12.50 4.53
C TRP A 29 16.12 -11.02 4.40
N HIS A 30 15.85 -10.34 5.56
CA HIS A 30 15.40 -8.93 5.52
C HIS A 30 16.55 -7.94 5.45
N SER A 31 17.77 -8.39 5.86
CA SER A 31 18.99 -7.57 5.82
C SER A 31 19.26 -7.06 4.42
N LYS A 32 19.49 -5.74 4.32
CA LYS A 32 19.74 -5.04 3.07
C LYS A 32 21.07 -5.48 2.43
N GLU A 33 21.12 -5.47 1.08
CA GLU A 33 22.27 -5.84 0.25
C GLU A 33 23.47 -5.01 0.69
N GLY A 34 24.53 -5.70 1.11
CA GLY A 34 25.75 -5.08 1.61
C GLY A 34 25.96 -5.33 3.09
N ASP A 35 24.87 -5.50 3.86
CA ASP A 35 24.93 -5.76 5.30
C ASP A 35 25.47 -7.17 5.57
N PRO A 36 26.06 -7.43 6.76
CA PRO A 36 26.59 -8.78 7.04
C PRO A 36 25.46 -9.82 7.09
N LEU A 37 25.77 -11.06 6.63
CA LEU A 37 24.82 -12.17 6.61
C LEU A 37 24.68 -12.72 8.01
N VAL A 38 23.48 -12.61 8.56
CA VAL A 38 23.20 -13.04 9.92
C VAL A 38 22.22 -14.20 9.87
N PHE A 39 22.42 -15.19 10.73
CA PHE A 39 21.49 -16.29 10.91
C PHE A 39 21.27 -16.54 12.39
N ALA A 40 20.12 -17.13 12.74
CA ALA A 40 19.83 -17.53 14.12
C ALA A 40 19.70 -19.05 14.16
N THR A 41 20.03 -19.67 15.30
CA THR A 41 19.86 -21.10 15.57
C THR A 41 19.11 -21.22 16.89
N VAL A 42 18.30 -22.26 17.03
CA VAL A 42 17.52 -22.54 18.24
C VAL A 42 17.69 -23.97 18.60
N GLY A 43 17.69 -24.21 19.88
CA GLY A 43 17.84 -25.54 20.46
C GLY A 43 17.87 -25.34 21.94
N SER A 44 17.40 -26.36 22.72
CA SER A 44 17.31 -26.26 24.18
C SER A 44 16.46 -25.02 24.46
N ASN A 45 16.80 -24.23 25.49
CA ASN A 45 16.09 -22.98 25.76
C ASN A 45 16.97 -21.85 25.23
N ARG A 46 17.79 -22.17 24.22
CA ARG A 46 18.70 -21.19 23.65
C ARG A 46 18.31 -20.68 22.26
N VAL A 47 18.63 -19.44 21.99
CA VAL A 47 18.47 -18.77 20.70
C VAL A 47 19.85 -18.16 20.55
N THR A 48 20.58 -18.46 19.46
CA THR A 48 21.91 -17.90 19.25
C THR A 48 22.05 -17.27 17.86
N LEU A 49 22.61 -16.05 17.84
CA LEU A 49 22.83 -15.26 16.63
C LEU A 49 24.31 -15.28 16.21
N TYR A 50 24.58 -15.42 14.88
CA TYR A 50 25.90 -15.47 14.26
C TYR A 50 25.96 -14.59 13.02
N GLU A 51 27.15 -14.09 12.70
CA GLU A 51 27.47 -13.32 11.50
C GLU A 51 28.45 -14.15 10.63
N CYS A 52 28.21 -14.23 9.32
CA CYS A 52 29.07 -14.96 8.41
C CYS A 52 30.06 -14.01 7.76
N HIS A 53 31.36 -14.32 7.93
CA HIS A 53 32.43 -13.51 7.36
C HIS A 53 33.30 -14.34 6.42
N SER A 54 34.24 -13.68 5.74
CA SER A 54 35.15 -14.29 4.76
C SER A 54 36.01 -15.36 5.39
N GLN A 55 36.59 -16.25 4.55
CA GLN A 55 37.44 -17.36 5.00
C GLN A 55 36.69 -18.29 6.00
N GLY A 56 35.41 -18.49 5.70
CA GLY A 56 34.49 -19.34 6.42
C GLY A 56 34.21 -19.01 7.86
N GLU A 57 34.61 -17.82 8.32
CA GLU A 57 34.41 -17.41 9.70
C GLU A 57 32.93 -17.32 10.09
N ILE A 58 32.59 -17.82 11.27
CA ILE A 58 31.25 -17.73 11.82
C ILE A 58 31.44 -16.96 13.13
N ARG A 59 31.00 -15.70 13.14
CA ARG A 59 31.18 -14.84 14.29
C ARG A 59 29.97 -14.84 15.20
N LEU A 60 30.16 -15.30 16.44
CA LEU A 60 29.14 -15.31 17.49
C LEU A 60 28.83 -13.86 17.92
N LEU A 61 27.55 -13.45 17.82
CA LEU A 61 27.09 -12.11 18.19
C LEU A 61 26.52 -12.10 19.58
N GLN A 62 25.35 -12.73 19.77
CA GLN A 62 24.65 -12.74 21.06
C GLN A 62 23.95 -14.08 21.29
N SER A 63 23.71 -14.42 22.56
CA SER A 63 23.01 -15.64 22.98
C SER A 63 21.87 -15.31 23.93
N TYR A 64 20.64 -15.63 23.52
CA TYR A 64 19.45 -15.45 24.37
C TYR A 64 19.23 -16.77 25.11
N VAL A 65 19.19 -16.74 26.44
CA VAL A 65 18.90 -17.92 27.26
C VAL A 65 17.55 -17.63 27.91
N ASP A 66 16.55 -18.47 27.63
CA ASP A 66 15.22 -18.33 28.19
C ASP A 66 15.24 -18.45 29.72
N ALA A 67 14.38 -17.67 30.41
CA ALA A 67 14.25 -17.69 31.87
C ALA A 67 13.74 -19.06 32.32
N ASP A 68 12.96 -19.73 31.47
CA ASP A 68 12.42 -21.08 31.69
C ASP A 68 13.45 -22.11 31.20
N ALA A 69 14.13 -22.79 32.14
CA ALA A 69 15.13 -23.82 31.82
C ALA A 69 14.53 -25.09 31.16
N ASP A 70 13.20 -25.25 31.25
CA ASP A 70 12.44 -26.39 30.71
C ASP A 70 11.94 -26.15 29.28
N GLU A 71 12.10 -24.93 28.76
CA GLU A 71 11.70 -24.58 27.40
C GLU A 71 12.60 -25.32 26.38
N ASN A 72 12.00 -25.77 25.28
CA ASN A 72 12.68 -26.42 24.16
C ASN A 72 12.23 -25.68 22.94
N PHE A 73 13.07 -24.75 22.42
CA PHE A 73 12.67 -24.01 21.22
C PHE A 73 12.71 -24.93 20.02
N TYR A 74 11.70 -24.85 19.14
CA TYR A 74 11.62 -25.73 17.96
C TYR A 74 11.69 -24.98 16.67
N THR A 75 11.52 -23.66 16.74
CA THR A 75 11.38 -22.83 15.54
C THR A 75 11.67 -21.37 15.84
N CYS A 76 12.06 -20.66 14.80
CA CYS A 76 12.28 -19.24 14.83
C CYS A 76 12.05 -18.64 13.46
N ALA A 77 11.66 -17.37 13.44
CA ALA A 77 11.42 -16.67 12.19
C ALA A 77 11.81 -15.22 12.35
N TRP A 78 12.33 -14.62 11.28
CA TRP A 78 12.77 -13.21 11.29
C TRP A 78 11.66 -12.33 10.74
N THR A 79 11.54 -11.12 11.29
CA THR A 79 10.68 -10.07 10.77
C THR A 79 11.32 -8.72 11.03
N TYR A 80 10.62 -7.64 10.68
CA TYR A 80 11.07 -6.30 10.93
C TYR A 80 9.91 -5.46 11.42
N ASP A 81 10.22 -4.47 12.26
CA ASP A 81 9.27 -3.48 12.78
C ASP A 81 8.94 -2.58 11.61
N SER A 82 7.69 -2.62 11.14
CA SER A 82 7.20 -1.82 10.00
C SER A 82 7.26 -0.29 10.23
N ASN A 83 7.49 0.16 11.49
CA ASN A 83 7.59 1.58 11.81
C ASN A 83 9.06 2.06 11.84
N THR A 84 9.92 1.37 12.61
CA THR A 84 11.33 1.75 12.79
C THR A 84 12.34 1.01 11.87
N SER A 85 11.89 0.02 11.05
CA SER A 85 12.74 -0.80 10.17
C SER A 85 13.77 -1.64 10.98
N HIS A 86 13.51 -1.80 12.29
CA HIS A 86 14.32 -2.53 13.26
C HIS A 86 14.06 -4.04 13.09
N PRO A 87 15.12 -4.90 13.07
CA PRO A 87 14.89 -6.35 12.93
C PRO A 87 14.32 -6.97 14.19
N LEU A 88 13.54 -8.03 14.01
CA LEU A 88 12.92 -8.78 15.10
C LEU A 88 12.99 -10.28 14.82
N LEU A 89 13.08 -11.06 15.87
CA LEU A 89 13.11 -12.51 15.77
C LEU A 89 12.01 -13.10 16.65
N ALA A 90 11.20 -13.96 16.07
CA ALA A 90 10.19 -14.70 16.83
C ALA A 90 10.66 -16.12 17.01
N VAL A 91 10.52 -16.67 18.22
CA VAL A 91 10.91 -18.04 18.57
C VAL A 91 9.79 -18.67 19.42
N ALA A 92 9.65 -20.02 19.36
CA ALA A 92 8.67 -20.78 20.13
C ALA A 92 9.08 -22.23 20.18
N GLY A 93 8.36 -23.01 20.97
CA GLY A 93 8.61 -24.44 21.10
C GLY A 93 7.67 -25.13 22.05
N SER A 94 8.24 -26.03 22.89
CA SER A 94 7.56 -26.86 23.87
C SER A 94 6.53 -26.16 24.75
N ARG A 95 6.81 -24.93 25.20
CA ARG A 95 5.90 -24.20 26.09
C ARG A 95 4.63 -23.68 25.40
N GLY A 96 4.63 -23.65 24.07
CA GLY A 96 3.50 -23.14 23.30
C GLY A 96 3.34 -21.65 23.46
N ILE A 97 4.47 -20.94 23.67
CA ILE A 97 4.47 -19.49 23.85
C ILE A 97 5.34 -18.88 22.76
N ILE A 98 4.90 -17.79 22.13
CA ILE A 98 5.65 -17.08 21.08
C ILE A 98 6.35 -15.91 21.72
N ARG A 99 7.66 -15.76 21.47
CA ARG A 99 8.42 -14.64 22.02
C ARG A 99 8.99 -13.82 20.89
N ILE A 100 8.77 -12.52 20.96
CA ILE A 100 9.34 -11.57 20.00
C ILE A 100 10.55 -10.99 20.72
N ILE A 101 11.75 -11.30 20.22
CA ILE A 101 12.99 -10.83 20.81
C ILE A 101 13.64 -9.75 19.96
N ASN A 102 14.23 -8.74 20.62
CA ASN A 102 15.00 -7.69 19.93
C ASN A 102 16.36 -8.38 19.71
N PRO A 103 16.75 -8.71 18.47
CA PRO A 103 18.00 -9.46 18.28
C PRO A 103 19.26 -8.69 18.67
N ILE A 104 19.21 -7.35 18.58
CA ILE A 104 20.31 -6.44 18.93
C ILE A 104 20.63 -6.50 20.45
N THR A 105 19.60 -6.49 21.28
CA THR A 105 19.77 -6.47 22.73
C THR A 105 19.56 -7.81 23.42
N MET A 106 18.89 -8.76 22.74
CA MET A 106 18.49 -10.07 23.24
C MET A 106 17.41 -9.97 24.32
N GLN A 107 16.67 -8.85 24.33
CA GLN A 107 15.58 -8.68 25.28
C GLN A 107 14.33 -9.26 24.67
N CYS A 108 13.56 -10.02 25.47
CA CYS A 108 12.26 -10.54 25.04
C CYS A 108 11.33 -9.30 25.13
N ILE A 109 10.96 -8.73 23.95
CA ILE A 109 10.07 -7.56 23.80
C ILE A 109 8.64 -7.87 24.24
N LYS A 110 8.07 -9.00 23.77
CA LYS A 110 6.70 -9.42 24.08
C LYS A 110 6.47 -10.90 23.82
N HIS A 111 5.39 -11.44 24.38
CA HIS A 111 5.06 -12.83 24.16
C HIS A 111 3.57 -13.06 23.86
N TYR A 112 3.22 -14.23 23.28
CA TYR A 112 1.86 -14.61 22.93
C TYR A 112 1.49 -15.98 23.46
N VAL A 113 0.61 -15.98 24.47
CA VAL A 113 0.05 -17.18 25.07
C VAL A 113 -1.30 -17.46 24.36
N GLY A 114 -1.72 -18.72 24.33
CA GLY A 114 -2.96 -19.09 23.67
C GLY A 114 -2.96 -20.52 23.16
N HIS A 115 -1.86 -20.96 22.49
CA HIS A 115 -1.80 -22.34 22.03
C HIS A 115 -1.89 -23.25 23.22
N GLY A 116 -2.64 -24.33 23.07
CA GLY A 116 -2.85 -25.33 24.12
C GLY A 116 -1.74 -26.34 24.28
N ASN A 117 -0.79 -26.35 23.33
CA ASN A 117 0.34 -27.28 23.33
C ASN A 117 1.50 -26.66 22.57
N ALA A 118 2.63 -27.38 22.42
CA ALA A 118 3.85 -26.88 21.75
C ALA A 118 3.62 -26.29 20.36
N ILE A 119 4.50 -25.35 19.95
CA ILE A 119 4.47 -24.75 18.61
C ILE A 119 5.61 -25.39 17.83
N ASN A 120 5.29 -25.94 16.63
CA ASN A 120 6.20 -26.65 15.73
C ASN A 120 6.78 -25.77 14.69
N GLU A 121 6.09 -24.70 14.31
CA GLU A 121 6.61 -23.76 13.32
C GLU A 121 6.01 -22.36 13.44
N LEU A 122 6.83 -21.37 13.08
CA LEU A 122 6.53 -19.95 12.99
C LEU A 122 6.89 -19.47 11.58
N LYS A 123 6.01 -18.68 10.97
CA LYS A 123 6.24 -18.13 9.64
C LYS A 123 5.64 -16.77 9.62
N PHE A 124 6.37 -15.79 9.09
CA PHE A 124 5.90 -14.45 8.89
C PHE A 124 5.39 -14.33 7.48
N HIS A 125 4.27 -13.60 7.30
CA HIS A 125 3.65 -13.33 6.01
C HIS A 125 4.71 -12.66 5.09
N PRO A 126 4.79 -13.02 3.78
CA PRO A 126 5.81 -12.43 2.91
C PRO A 126 5.65 -10.96 2.54
N ARG A 127 4.44 -10.40 2.63
CA ARG A 127 4.13 -8.98 2.27
C ARG A 127 3.96 -8.10 3.51
N ASP A 128 3.45 -8.67 4.60
CA ASP A 128 3.18 -7.95 5.82
C ASP A 128 4.00 -8.50 7.00
N PRO A 129 5.01 -7.74 7.45
CA PRO A 129 5.88 -8.21 8.54
C PRO A 129 5.22 -8.39 9.89
N ASN A 130 4.00 -7.86 10.10
CA ASN A 130 3.23 -7.99 11.35
C ASN A 130 2.37 -9.23 11.42
N LEU A 131 2.16 -9.93 10.27
CA LEU A 131 1.33 -11.13 10.28
C LEU A 131 2.18 -12.40 10.51
N LEU A 132 2.06 -12.99 11.72
CA LEU A 132 2.76 -14.17 12.17
C LEU A 132 1.85 -15.38 12.27
N LEU A 133 2.25 -16.46 11.60
CA LEU A 133 1.54 -17.73 11.68
C LEU A 133 2.29 -18.67 12.60
N SER A 134 1.57 -19.31 13.51
CA SER A 134 2.08 -20.31 14.44
C SER A 134 1.29 -21.61 14.25
N VAL A 135 1.96 -22.76 14.31
CA VAL A 135 1.29 -24.06 14.11
C VAL A 135 1.64 -24.92 15.28
N SER A 136 0.62 -25.62 15.78
CA SER A 136 0.69 -26.30 17.04
C SER A 136 0.27 -27.76 17.13
N LYS A 137 0.77 -28.39 18.21
CA LYS A 137 0.45 -29.74 18.67
C LYS A 137 -1.00 -29.74 19.17
N ASP A 138 -1.60 -28.54 19.40
CA ASP A 138 -3.00 -28.41 19.82
C ASP A 138 -3.97 -28.60 18.63
N HIS A 139 -3.46 -29.03 17.43
CA HIS A 139 -4.21 -29.34 16.22
C HIS A 139 -4.61 -28.08 15.44
N ALA A 140 -4.14 -26.92 15.87
CA ALA A 140 -4.55 -25.70 15.18
C ALA A 140 -3.38 -24.83 14.72
N LEU A 141 -3.68 -23.86 13.85
CA LEU A 141 -2.79 -22.82 13.32
C LEU A 141 -3.37 -21.52 13.82
N ARG A 142 -2.52 -20.54 14.12
CA ARG A 142 -3.03 -19.24 14.54
C ARG A 142 -2.34 -18.12 13.77
N LEU A 143 -3.11 -17.10 13.42
CA LEU A 143 -2.59 -15.96 12.71
C LEU A 143 -2.63 -14.75 13.65
N TRP A 144 -1.47 -14.15 13.91
CA TRP A 144 -1.38 -13.03 14.85
C TRP A 144 -0.97 -11.77 14.13
N ASN A 145 -1.37 -10.63 14.67
CA ASN A 145 -0.99 -9.31 14.17
C ASN A 145 -0.18 -8.76 15.34
N ILE A 146 1.16 -8.80 15.20
CA ILE A 146 2.10 -8.43 16.25
C ILE A 146 2.30 -6.91 16.38
N GLN A 147 1.63 -6.11 15.55
CA GLN A 147 1.63 -4.66 15.69
C GLN A 147 0.52 -4.28 16.72
N THR A 148 -0.70 -4.83 16.55
CA THR A 148 -1.84 -4.55 17.45
C THR A 148 -2.00 -5.57 18.56
N ASP A 149 -1.08 -6.57 18.64
CA ASP A 149 -1.05 -7.65 19.64
C ASP A 149 -2.35 -8.47 19.67
N THR A 150 -2.91 -8.73 18.48
CA THR A 150 -4.18 -9.47 18.37
C THR A 150 -4.04 -10.86 17.73
N LEU A 151 -4.99 -11.75 18.05
CA LEU A 151 -5.12 -13.06 17.43
C LEU A 151 -6.18 -12.82 16.33
N VAL A 152 -5.74 -12.82 15.08
CA VAL A 152 -6.57 -12.53 13.92
C VAL A 152 -7.54 -13.68 13.65
N ALA A 153 -7.01 -14.91 13.71
CA ALA A 153 -7.76 -16.09 13.37
C ALA A 153 -7.10 -17.33 13.93
N ILE A 154 -7.92 -18.36 14.09
CA ILE A 154 -7.57 -19.73 14.50
C ILE A 154 -8.09 -20.64 13.36
N PHE A 155 -7.20 -21.40 12.74
CA PHE A 155 -7.49 -22.35 11.67
C PHE A 155 -7.51 -23.75 12.32
N GLY A 156 -8.74 -24.25 12.57
CA GLY A 156 -8.96 -25.52 13.25
C GLY A 156 -10.40 -25.67 13.63
N GLY A 157 -10.79 -26.85 14.06
CA GLY A 157 -12.18 -27.11 14.42
C GLY A 157 -12.76 -28.27 13.64
N VAL A 158 -14.03 -28.15 13.21
CA VAL A 158 -14.82 -29.19 12.49
C VAL A 158 -14.04 -29.89 11.39
N GLU A 159 -13.46 -29.15 10.45
CA GLU A 159 -12.70 -29.78 9.37
C GLU A 159 -11.19 -29.40 9.40
N GLY A 160 -10.74 -28.95 10.56
CA GLY A 160 -9.35 -28.58 10.82
C GLY A 160 -8.56 -29.84 11.06
N HIS A 161 -7.26 -29.69 11.37
CA HIS A 161 -6.40 -30.86 11.63
C HIS A 161 -6.93 -31.71 12.84
N ARG A 162 -6.83 -33.02 12.73
CA ARG A 162 -7.34 -33.99 13.72
C ARG A 162 -6.24 -34.48 14.66
N ASP A 163 -4.99 -34.04 14.42
CA ASP A 163 -3.83 -34.41 15.21
C ASP A 163 -2.84 -33.25 15.15
N GLU A 164 -1.63 -33.39 15.70
CA GLU A 164 -0.63 -32.31 15.74
C GLU A 164 -0.26 -31.76 14.38
N VAL A 165 -0.24 -30.43 14.27
CA VAL A 165 0.16 -29.73 13.05
C VAL A 165 1.67 -29.60 13.15
N LEU A 166 2.35 -30.00 12.10
CA LEU A 166 3.81 -30.05 12.08
C LEU A 166 4.47 -28.93 11.30
N SER A 167 3.81 -28.44 10.24
CA SER A 167 4.42 -27.43 9.39
C SER A 167 3.37 -26.66 8.62
N ALA A 168 3.77 -25.53 8.08
CA ALA A 168 2.91 -24.72 7.25
C ALA A 168 3.77 -23.78 6.46
N ASP A 169 3.22 -23.28 5.36
CA ASP A 169 3.94 -22.35 4.50
C ASP A 169 2.97 -21.41 3.82
N TYR A 170 3.31 -20.13 3.77
CA TYR A 170 2.52 -19.17 2.99
C TYR A 170 2.94 -19.39 1.51
N ASP A 171 2.07 -19.07 0.55
CA ASP A 171 2.52 -19.13 -0.87
C ASP A 171 3.40 -17.87 -1.08
N LEU A 172 3.90 -17.64 -2.32
CA LEU A 172 4.83 -16.54 -2.61
C LEU A 172 4.26 -15.17 -2.31
N LEU A 173 3.02 -14.92 -2.76
CA LEU A 173 2.35 -13.63 -2.57
C LEU A 173 1.59 -13.49 -1.27
N GLY A 174 1.56 -14.54 -0.46
CA GLY A 174 0.87 -14.55 0.82
C GLY A 174 -0.66 -14.51 0.70
N GLU A 175 -1.22 -15.17 -0.32
CA GLU A 175 -2.67 -15.25 -0.48
C GLU A 175 -3.21 -16.50 0.18
N LYS A 176 -2.33 -17.48 0.50
CA LYS A 176 -2.79 -18.76 1.04
C LYS A 176 -1.74 -19.49 1.81
N ILE A 177 -2.18 -20.45 2.63
CA ILE A 177 -1.36 -21.27 3.50
C ILE A 177 -1.67 -22.73 3.23
N MET A 178 -0.63 -23.58 3.26
CA MET A 178 -0.73 -25.01 3.21
C MET A 178 -0.16 -25.51 4.53
N SER A 179 -0.95 -26.27 5.28
CA SER A 179 -0.56 -26.87 6.57
C SER A 179 -0.49 -28.38 6.43
N CYS A 180 0.18 -29.03 7.39
CA CYS A 180 0.32 -30.49 7.37
C CYS A 180 0.62 -31.00 8.76
N GLY A 181 0.16 -32.22 9.04
CA GLY A 181 0.38 -32.81 10.34
C GLY A 181 0.36 -34.31 10.46
N MET A 182 0.19 -34.77 11.69
CA MET A 182 0.19 -36.18 12.06
C MET A 182 -1.02 -36.96 11.57
N ASP A 183 -2.08 -36.25 11.11
CA ASP A 183 -3.30 -36.86 10.60
C ASP A 183 -3.16 -37.21 9.11
N HIS A 184 -1.92 -37.11 8.55
CA HIS A 184 -1.50 -37.40 7.18
C HIS A 184 -2.10 -36.45 6.18
N SER A 185 -2.75 -35.37 6.65
CA SER A 185 -3.33 -34.45 5.71
C SER A 185 -2.54 -33.17 5.47
N LEU A 186 -2.80 -32.61 4.30
CA LEU A 186 -2.31 -31.33 3.85
C LEU A 186 -3.55 -30.52 3.62
N LYS A 187 -3.70 -29.42 4.34
CA LYS A 187 -4.86 -28.56 4.22
C LYS A 187 -4.54 -27.17 3.69
N LEU A 188 -5.39 -26.63 2.81
CA LEU A 188 -5.24 -25.30 2.23
C LEU A 188 -6.12 -24.29 2.95
N TRP A 189 -5.58 -23.13 3.30
CA TRP A 189 -6.33 -22.07 3.96
C TRP A 189 -6.09 -20.78 3.21
N ARG A 190 -7.10 -20.32 2.48
CA ARG A 190 -7.00 -19.08 1.72
C ARG A 190 -7.14 -17.89 2.64
N ILE A 191 -6.19 -16.94 2.59
CA ILE A 191 -6.28 -15.77 3.47
C ILE A 191 -6.57 -14.51 2.67
N ASN A 192 -6.83 -14.67 1.37
CA ASN A 192 -7.21 -13.58 0.48
C ASN A 192 -8.74 -13.55 0.28
N SER A 193 -9.47 -14.40 1.02
CA SER A 193 -10.92 -14.45 0.96
C SER A 193 -11.46 -13.15 1.54
N LYS A 194 -12.66 -12.74 1.11
CA LYS A 194 -13.28 -11.52 1.64
C LYS A 194 -13.34 -11.50 3.20
N ARG A 195 -13.66 -12.65 3.82
CA ARG A 195 -13.77 -12.81 5.28
C ARG A 195 -12.45 -12.55 5.96
N MET A 196 -11.38 -13.25 5.49
CA MET A 196 -10.03 -13.16 6.05
C MET A 196 -9.36 -11.80 5.83
N MET A 197 -9.52 -11.20 4.65
CA MET A 197 -8.96 -9.85 4.40
C MET A 197 -9.62 -8.81 5.32
N ASN A 198 -10.95 -8.98 5.59
CA ASN A 198 -11.66 -8.11 6.50
C ASN A 198 -11.24 -8.36 7.95
N ALA A 199 -10.98 -9.63 8.33
CA ALA A 199 -10.46 -9.95 9.66
C ALA A 199 -9.10 -9.30 9.87
N ILE A 200 -8.25 -9.35 8.81
CA ILE A 200 -6.92 -8.73 8.85
C ILE A 200 -7.09 -7.20 9.06
N LYS A 201 -7.94 -6.53 8.22
CA LYS A 201 -8.20 -5.08 8.34
C LYS A 201 -8.68 -4.73 9.74
N GLU A 202 -9.62 -5.51 10.28
CA GLU A 202 -10.17 -5.28 11.61
C GLU A 202 -9.11 -5.31 12.70
N SER A 203 -8.18 -6.32 12.69
CA SER A 203 -7.10 -6.42 13.69
C SER A 203 -6.25 -5.17 13.70
N TYR A 204 -6.10 -4.54 12.56
CA TYR A 204 -5.38 -3.27 12.43
C TYR A 204 -6.13 -2.11 13.01
N ASP A 205 -7.47 -2.06 12.88
CA ASP A 205 -8.26 -0.95 13.43
C ASP A 205 -8.54 -1.12 14.93
N TYR A 206 -8.13 -2.26 15.54
CA TYR A 206 -8.36 -2.49 16.97
C TYR A 206 -7.46 -1.62 17.84
N ASN A 207 -8.10 -0.82 18.70
CA ASN A 207 -7.39 0.07 19.62
C ASN A 207 -7.86 -0.17 21.06
N PRO A 208 -6.99 -0.71 21.95
CA PRO A 208 -7.42 -0.98 23.33
C PRO A 208 -7.52 0.26 24.23
N ASN A 209 -7.00 1.42 23.77
CA ASN A 209 -7.12 2.67 24.54
C ASN A 209 -8.29 3.53 24.00
N LYS A 210 -9.13 2.92 23.13
CA LYS A 210 -10.33 3.50 22.51
C LYS A 210 -11.57 2.73 22.96
N THR A 211 -11.42 1.40 23.21
CA THR A 211 -12.49 0.50 23.65
C THR A 211 -12.03 -0.46 24.76
N ASN A 212 -12.98 -0.94 25.59
CA ASN A 212 -12.73 -1.89 26.68
C ASN A 212 -13.07 -3.35 26.27
N ARG A 213 -13.74 -3.51 25.10
CA ARG A 213 -14.13 -4.79 24.53
C ARG A 213 -12.89 -5.53 23.96
N PRO A 214 -12.76 -6.86 24.17
CA PRO A 214 -11.60 -7.58 23.63
C PRO A 214 -11.73 -7.81 22.12
N PHE A 215 -10.59 -8.08 21.43
CA PHE A 215 -10.64 -8.33 20.00
C PHE A 215 -11.17 -9.74 19.74
N ILE A 216 -12.10 -9.87 18.76
CA ILE A 216 -12.69 -11.17 18.45
C ILE A 216 -12.05 -11.79 17.19
N SER A 217 -11.36 -12.91 17.40
CA SER A 217 -10.65 -13.64 16.33
C SER A 217 -11.63 -14.44 15.50
N GLN A 218 -11.30 -14.65 14.21
CA GLN A 218 -12.09 -15.52 13.36
C GLN A 218 -11.75 -16.96 13.74
N LYS A 219 -12.76 -17.84 13.68
CA LYS A 219 -12.61 -19.27 13.91
C LYS A 219 -12.87 -19.92 12.54
N ILE A 220 -11.80 -20.26 11.81
CA ILE A 220 -11.94 -20.88 10.50
C ILE A 220 -11.95 -22.38 10.72
N HIS A 221 -13.16 -22.99 10.65
CA HIS A 221 -13.39 -24.41 10.87
C HIS A 221 -13.20 -25.27 9.63
N PHE A 222 -13.27 -24.65 8.44
CA PHE A 222 -13.23 -25.32 7.13
C PHE A 222 -12.11 -24.82 6.18
N PRO A 223 -11.14 -25.70 5.83
CA PRO A 223 -10.09 -25.31 4.87
C PRO A 223 -10.69 -25.23 3.45
N ASP A 224 -9.91 -24.67 2.55
CA ASP A 224 -10.32 -24.48 1.17
C ASP A 224 -9.97 -25.65 0.29
N PHE A 225 -9.33 -26.65 0.89
CA PHE A 225 -8.94 -27.90 0.24
C PHE A 225 -8.32 -28.79 1.29
N SER A 226 -8.53 -30.10 1.16
CA SER A 226 -7.95 -31.09 2.06
C SER A 226 -7.65 -32.39 1.34
N THR A 227 -6.52 -33.02 1.68
CA THR A 227 -6.14 -34.31 1.12
C THR A 227 -5.31 -35.09 2.12
N ARG A 228 -5.48 -36.42 2.14
CA ARG A 228 -4.63 -37.38 2.85
C ARG A 228 -4.23 -38.47 1.84
N ASP A 229 -4.26 -38.11 0.53
CA ASP A 229 -3.95 -38.96 -0.62
C ASP A 229 -2.51 -38.90 -1.15
N ILE A 230 -1.61 -38.14 -0.49
CA ILE A 230 -0.22 -37.96 -0.96
C ILE A 230 0.75 -38.89 -0.23
N HIS A 231 0.72 -38.89 1.09
CA HIS A 231 1.57 -39.70 1.96
C HIS A 231 0.73 -40.69 2.75
N ARG A 232 1.36 -41.76 3.23
CA ARG A 232 0.74 -42.85 3.98
C ARG A 232 1.07 -42.73 5.47
N ASN A 233 1.69 -41.61 5.87
CA ASN A 233 2.07 -41.38 7.25
C ASN A 233 2.12 -39.89 7.54
N TYR A 234 2.57 -39.51 8.76
CA TYR A 234 2.69 -38.12 9.22
C TYR A 234 3.38 -37.26 8.14
N VAL A 235 2.87 -36.07 7.87
CA VAL A 235 3.49 -35.13 6.92
C VAL A 235 4.19 -34.11 7.80
N ASP A 236 5.55 -34.10 7.83
CA ASP A 236 6.26 -33.21 8.77
C ASP A 236 6.87 -31.91 8.17
N CYS A 237 6.77 -31.73 6.86
CA CYS A 237 7.29 -30.54 6.18
C CYS A 237 6.54 -30.31 4.90
N VAL A 238 6.10 -29.05 4.69
CA VAL A 238 5.36 -28.57 3.54
C VAL A 238 5.84 -27.16 3.16
N ARG A 239 6.07 -26.95 1.88
CA ARG A 239 6.44 -25.64 1.32
C ARG A 239 5.81 -25.53 -0.08
N TRP A 240 5.44 -24.32 -0.44
CA TRP A 240 4.94 -24.01 -1.77
C TRP A 240 6.12 -23.92 -2.79
N LEU A 241 5.86 -24.39 -4.02
CA LEU A 241 6.78 -24.25 -5.17
C LEU A 241 5.91 -23.69 -6.29
N GLY A 242 5.76 -22.37 -6.31
CA GLY A 242 4.89 -21.68 -7.24
C GLY A 242 3.46 -22.01 -6.86
N ASP A 243 2.72 -22.68 -7.77
CA ASP A 243 1.35 -23.12 -7.51
C ASP A 243 1.35 -24.60 -7.10
N LEU A 244 2.54 -25.18 -7.08
CA LEU A 244 2.72 -26.59 -6.73
C LEU A 244 3.12 -26.70 -5.27
N ILE A 245 3.06 -27.93 -4.73
CA ILE A 245 3.38 -28.22 -3.32
C ILE A 245 4.47 -29.25 -3.27
N LEU A 246 5.35 -29.10 -2.27
CA LEU A 246 6.42 -30.03 -1.93
C LEU A 246 6.11 -30.43 -0.51
N SER A 247 6.02 -31.73 -0.24
CA SER A 247 5.74 -32.21 1.10
C SER A 247 6.44 -33.50 1.34
N LYS A 248 6.79 -33.77 2.60
CA LYS A 248 7.46 -35.02 2.92
C LYS A 248 6.86 -35.74 4.10
N SER A 249 7.13 -37.04 4.17
CA SER A 249 6.74 -37.96 5.22
C SER A 249 8.02 -38.74 5.54
N CYS A 250 7.89 -40.03 5.85
CA CYS A 250 9.01 -40.91 6.21
C CYS A 250 9.49 -41.85 5.08
N GLU A 251 8.92 -41.74 3.87
CA GLU A 251 9.22 -42.67 2.77
C GLU A 251 10.45 -42.24 1.89
N ASN A 252 11.35 -41.38 2.46
CA ASN A 252 12.58 -40.88 1.86
C ASN A 252 12.40 -40.23 0.51
N ALA A 253 11.30 -39.48 0.37
CA ALA A 253 10.99 -38.72 -0.84
C ALA A 253 10.22 -37.48 -0.46
N ILE A 254 10.47 -36.42 -1.22
CA ILE A 254 9.76 -35.16 -1.08
C ILE A 254 8.87 -35.26 -2.27
N VAL A 255 7.57 -35.18 -2.05
CA VAL A 255 6.61 -35.33 -3.13
C VAL A 255 6.22 -33.97 -3.65
N CYS A 256 6.23 -33.82 -4.99
CA CYS A 256 5.76 -32.65 -5.69
C CYS A 256 4.36 -32.95 -6.20
N TRP A 257 3.39 -32.16 -5.78
CA TRP A 257 2.00 -32.40 -6.14
C TRP A 257 1.21 -31.13 -6.22
N LYS A 258 -0.05 -31.27 -6.65
CA LYS A 258 -0.99 -30.15 -6.78
C LYS A 258 -2.40 -30.65 -6.54
N PRO A 259 -3.29 -29.80 -5.96
CA PRO A 259 -4.67 -30.23 -5.75
C PRO A 259 -5.40 -30.27 -7.09
N GLY A 260 -6.41 -31.13 -7.21
CA GLY A 260 -7.19 -31.31 -8.43
C GLY A 260 -6.46 -32.07 -9.51
N LYS A 261 -7.04 -32.12 -10.72
CA LYS A 261 -6.44 -32.74 -11.90
C LYS A 261 -5.32 -31.83 -12.43
N MET A 262 -4.47 -32.35 -13.33
CA MET A 262 -3.29 -31.69 -13.87
C MET A 262 -3.46 -30.23 -14.33
N GLU A 263 -4.55 -29.93 -15.06
CA GLU A 263 -4.78 -28.60 -15.62
C GLU A 263 -5.50 -27.63 -14.67
N ASP A 264 -6.05 -28.12 -13.54
CA ASP A 264 -6.80 -27.32 -12.56
C ASP A 264 -6.03 -26.13 -11.98
N ASP A 265 -6.62 -24.90 -12.09
CA ASP A 265 -6.07 -23.66 -11.55
C ASP A 265 -6.21 -23.65 -10.03
N ILE A 266 -5.09 -23.42 -9.31
CA ILE A 266 -5.07 -23.39 -7.84
C ILE A 266 -6.15 -22.48 -7.27
N ASP A 267 -6.44 -21.38 -7.96
CA ASP A 267 -7.40 -20.39 -7.51
C ASP A 267 -8.84 -20.72 -7.87
N LYS A 268 -9.05 -21.81 -8.63
CA LYS A 268 -10.38 -22.24 -9.04
C LYS A 268 -10.81 -23.58 -8.40
N ILE A 269 -9.90 -24.26 -7.66
CA ILE A 269 -10.31 -25.53 -7.04
C ILE A 269 -11.36 -25.25 -5.94
N LYS A 270 -12.40 -26.09 -5.89
CA LYS A 270 -13.48 -25.97 -4.92
C LYS A 270 -13.09 -26.63 -3.60
N PRO A 271 -13.62 -26.21 -2.43
CA PRO A 271 -13.23 -26.88 -1.15
C PRO A 271 -13.51 -28.39 -1.14
N SER A 272 -14.53 -28.83 -1.88
CA SER A 272 -14.90 -30.26 -1.97
C SER A 272 -14.02 -31.08 -2.97
N GLU A 273 -13.01 -30.44 -3.61
CA GLU A 273 -12.16 -31.16 -4.57
C GLU A 273 -11.54 -32.43 -3.96
N SER A 274 -11.92 -33.60 -4.48
CA SER A 274 -11.45 -34.88 -3.98
C SER A 274 -10.18 -35.38 -4.68
N ASN A 275 -9.78 -34.79 -5.81
CA ASN A 275 -8.59 -35.20 -6.55
C ASN A 275 -7.36 -34.41 -6.21
N VAL A 276 -6.23 -35.03 -6.53
CA VAL A 276 -4.86 -34.57 -6.35
C VAL A 276 -4.02 -35.09 -7.55
N THR A 277 -2.93 -34.36 -7.95
CA THR A 277 -2.02 -34.78 -9.02
C THR A 277 -0.58 -34.78 -8.53
N ILE A 278 0.07 -35.96 -8.49
CA ILE A 278 1.45 -36.20 -8.10
C ILE A 278 2.34 -36.01 -9.33
N LEU A 279 3.14 -34.94 -9.32
CA LEU A 279 3.97 -34.53 -10.45
C LEU A 279 5.38 -35.09 -10.48
N GLY A 280 5.88 -35.56 -9.34
CA GLY A 280 7.22 -36.11 -9.22
C GLY A 280 7.66 -36.31 -7.79
N ARG A 281 8.90 -36.83 -7.62
CA ARG A 281 9.50 -37.13 -6.32
C ARG A 281 10.99 -36.85 -6.31
N PHE A 282 11.49 -36.27 -5.20
CA PHE A 282 12.91 -36.02 -4.96
C PHE A 282 13.29 -37.06 -3.93
N ASP A 283 13.92 -38.15 -4.39
CA ASP A 283 14.36 -39.28 -3.58
C ASP A 283 15.70 -39.00 -2.89
N TYR A 284 15.89 -39.60 -1.71
CA TYR A 284 17.10 -39.51 -0.89
C TYR A 284 17.10 -40.72 0.04
N SER A 285 18.07 -40.84 0.91
CA SER A 285 18.04 -41.97 1.82
C SER A 285 18.27 -41.53 3.26
N GLN A 286 18.07 -42.46 4.19
CA GLN A 286 18.27 -42.37 5.64
C GLN A 286 17.72 -41.08 6.26
N CYS A 287 16.45 -40.79 5.98
CA CYS A 287 15.71 -39.66 6.53
C CYS A 287 14.24 -40.11 6.69
N ASP A 288 14.09 -41.15 7.50
CA ASP A 288 12.85 -41.84 7.84
C ASP A 288 12.31 -41.46 9.24
N ILE A 289 13.12 -40.74 10.07
CA ILE A 289 12.65 -40.29 11.39
C ILE A 289 11.94 -38.93 11.25
N TRP A 290 11.01 -38.69 12.19
CA TRP A 290 10.22 -37.48 12.28
C TRP A 290 11.03 -36.23 12.61
N TYR A 291 10.53 -35.08 12.19
CA TYR A 291 11.10 -33.75 12.44
C TYR A 291 12.40 -33.45 11.68
N MET A 292 12.32 -33.49 10.36
CA MET A 292 13.42 -33.10 9.47
C MET A 292 12.80 -32.17 8.46
N ARG A 293 13.30 -30.93 8.42
CA ARG A 293 12.77 -29.89 7.55
C ARG A 293 13.58 -29.76 6.29
N PHE A 294 12.90 -29.51 5.16
CA PHE A 294 13.61 -29.23 3.93
C PHE A 294 13.48 -27.72 3.70
N SER A 295 14.35 -27.17 2.86
CA SER A 295 14.37 -25.74 2.59
C SER A 295 14.67 -25.41 1.14
N MET A 296 14.34 -24.18 0.74
CA MET A 296 14.65 -23.64 -0.57
C MET A 296 15.35 -22.30 -0.42
N ASP A 297 16.07 -21.89 -1.45
CA ASP A 297 16.72 -20.58 -1.46
C ASP A 297 15.61 -19.56 -1.86
N PHE A 298 15.90 -18.25 -1.78
CA PHE A 298 14.95 -17.18 -2.11
C PHE A 298 14.31 -17.35 -3.48
N TRP A 299 15.11 -17.56 -4.53
CA TRP A 299 14.66 -17.66 -5.92
C TRP A 299 14.05 -18.99 -6.28
N GLN A 300 14.06 -19.93 -5.31
CA GLN A 300 13.52 -21.27 -5.43
C GLN A 300 14.17 -21.99 -6.61
N LYS A 301 15.52 -21.93 -6.71
CA LYS A 301 16.29 -22.63 -7.75
C LYS A 301 16.97 -23.82 -7.09
N MET A 302 17.03 -23.84 -5.76
CA MET A 302 17.69 -24.89 -5.01
C MET A 302 16.82 -25.43 -3.89
N LEU A 303 16.92 -26.72 -3.63
CA LEU A 303 16.19 -27.44 -2.60
C LEU A 303 17.24 -28.18 -1.79
N ALA A 304 17.17 -28.06 -0.48
CA ALA A 304 18.11 -28.75 0.39
C ALA A 304 17.37 -29.53 1.46
N LEU A 305 17.91 -30.71 1.86
CA LEU A 305 17.39 -31.56 2.92
C LEU A 305 18.55 -32.35 3.53
N GLY A 306 18.66 -32.30 4.85
CA GLY A 306 19.66 -33.04 5.61
C GLY A 306 19.09 -34.38 6.02
N ASN A 307 19.95 -35.42 6.22
CA ASN A 307 19.45 -36.72 6.67
C ASN A 307 19.90 -37.03 8.10
N GLN A 308 19.51 -38.22 8.62
CA GLN A 308 19.81 -38.65 10.00
C GLN A 308 21.28 -38.92 10.25
N VAL A 309 22.06 -38.98 9.18
CA VAL A 309 23.43 -39.44 9.30
C VAL A 309 24.44 -38.31 8.88
N GLY A 310 23.92 -37.08 8.74
CA GLY A 310 24.74 -35.91 8.45
C GLY A 310 25.03 -35.60 7.00
N LYS A 311 24.32 -36.26 6.08
CA LYS A 311 24.46 -35.94 4.66
C LYS A 311 23.44 -34.84 4.33
N LEU A 312 23.80 -33.99 3.39
CA LEU A 312 22.95 -32.88 3.01
C LEU A 312 22.74 -32.93 1.51
N TYR A 313 21.49 -33.27 1.13
CA TYR A 313 21.05 -33.39 -0.25
C TYR A 313 20.64 -32.05 -0.78
N VAL A 314 21.02 -31.78 -2.04
CA VAL A 314 20.66 -30.56 -2.73
C VAL A 314 20.21 -30.91 -4.17
N TRP A 315 19.11 -30.30 -4.62
CA TRP A 315 18.60 -30.46 -5.96
C TRP A 315 18.48 -29.10 -6.62
N ASP A 316 18.66 -29.06 -7.95
CA ASP A 316 18.50 -27.87 -8.75
C ASP A 316 17.06 -27.92 -9.23
N LEU A 317 16.22 -26.98 -8.80
CA LEU A 317 14.79 -26.91 -9.14
C LEU A 317 14.53 -26.39 -10.55
N GLU A 318 15.59 -25.95 -11.28
CA GLU A 318 15.49 -25.54 -12.68
C GLU A 318 15.59 -26.75 -13.60
N VAL A 319 15.92 -27.92 -13.04
CA VAL A 319 15.98 -29.16 -13.79
C VAL A 319 14.60 -29.82 -13.64
N GLU A 320 13.87 -30.00 -14.77
CA GLU A 320 12.51 -30.57 -14.80
C GLU A 320 12.40 -31.99 -14.19
N ASP A 321 13.26 -32.96 -14.61
CA ASP A 321 13.21 -34.32 -14.05
C ASP A 321 13.87 -34.30 -12.68
N PRO A 322 13.13 -34.62 -11.58
CA PRO A 322 13.74 -34.59 -10.23
C PRO A 322 14.90 -35.57 -10.02
N HIS A 323 15.02 -36.60 -10.89
CA HIS A 323 16.12 -37.58 -10.85
C HIS A 323 17.39 -37.00 -11.48
N LYS A 324 17.24 -36.07 -12.45
CA LYS A 324 18.37 -35.39 -13.09
C LYS A 324 18.71 -34.07 -12.38
N ALA A 325 17.86 -33.67 -11.40
CA ALA A 325 18.02 -32.44 -10.62
C ALA A 325 19.02 -32.56 -9.48
N LYS A 326 19.37 -33.79 -9.08
CA LYS A 326 20.25 -34.04 -7.95
C LYS A 326 21.66 -33.52 -8.15
N CYS A 327 22.18 -32.79 -7.14
CA CYS A 327 23.53 -32.23 -7.09
C CYS A 327 24.38 -33.23 -6.34
N THR A 328 25.68 -32.95 -6.21
CA THR A 328 26.56 -33.78 -5.41
C THR A 328 26.10 -33.62 -3.92
N THR A 329 25.91 -34.75 -3.23
CA THR A 329 25.53 -34.81 -1.84
C THR A 329 26.63 -34.18 -0.99
N LEU A 330 26.24 -33.24 -0.12
CA LEU A 330 27.18 -32.52 0.72
C LEU A 330 27.46 -33.34 1.94
N THR A 331 28.70 -33.80 2.04
CA THR A 331 29.14 -34.72 3.07
C THR A 331 30.52 -34.34 3.62
N HIS A 332 30.67 -34.52 4.92
CA HIS A 332 31.89 -34.29 5.66
C HIS A 332 31.99 -35.46 6.66
N HIS A 333 33.17 -36.11 6.75
CA HIS A 333 33.37 -37.28 7.61
C HIS A 333 33.17 -37.00 9.10
N LYS A 334 33.27 -35.71 9.50
CA LYS A 334 33.05 -35.28 10.87
C LYS A 334 31.58 -34.88 11.13
N CYS A 335 30.76 -34.79 10.07
CA CYS A 335 29.34 -34.46 10.22
C CYS A 335 28.60 -35.76 10.11
N GLY A 336 28.34 -36.37 11.25
CA GLY A 336 27.66 -37.65 11.30
C GLY A 336 26.31 -37.62 12.03
N ALA A 337 25.95 -36.48 12.64
CA ALA A 337 24.68 -36.37 13.37
C ALA A 337 23.54 -35.86 12.48
N ALA A 338 22.25 -36.13 12.88
CA ALA A 338 21.04 -35.73 12.14
C ALA A 338 20.98 -34.24 11.83
N ILE A 339 20.87 -33.86 10.54
CA ILE A 339 20.74 -32.46 10.16
C ILE A 339 19.24 -32.11 10.21
N ARG A 340 18.81 -31.43 11.28
CA ARG A 340 17.39 -31.09 11.46
C ARG A 340 16.87 -30.04 10.49
N GLN A 341 17.69 -29.05 10.17
CA GLN A 341 17.28 -27.93 9.31
C GLN A 341 18.52 -27.30 8.70
N THR A 342 18.30 -26.65 7.56
CA THR A 342 19.30 -25.93 6.82
C THR A 342 18.70 -24.57 6.48
N SER A 343 19.55 -23.61 6.18
CA SER A 343 19.13 -22.30 5.69
C SER A 343 20.14 -21.79 4.69
N PHE A 344 19.64 -21.25 3.56
CA PHE A 344 20.45 -20.57 2.55
C PHE A 344 20.44 -19.08 2.90
N SER A 345 21.57 -18.40 2.65
CA SER A 345 21.62 -16.95 2.82
C SER A 345 20.77 -16.36 1.69
N ARG A 346 20.26 -15.12 1.81
CA ARG A 346 19.43 -14.52 0.77
C ARG A 346 20.00 -14.66 -0.66
N ASP A 347 21.30 -14.39 -0.84
CA ASP A 347 21.94 -14.47 -2.16
C ASP A 347 22.38 -15.92 -2.54
N SER A 348 21.98 -16.92 -1.71
CA SER A 348 22.24 -18.36 -1.79
C SER A 348 23.76 -18.69 -1.91
N SER A 349 24.62 -17.79 -1.41
CA SER A 349 26.05 -18.00 -1.46
C SER A 349 26.53 -18.90 -0.30
N ILE A 350 25.79 -18.90 0.85
CA ILE A 350 26.07 -19.72 2.02
C ILE A 350 24.87 -20.65 2.37
N LEU A 351 25.16 -21.86 2.78
CA LEU A 351 24.16 -22.86 3.20
C LEU A 351 24.62 -23.37 4.55
N ILE A 352 23.80 -23.17 5.59
CA ILE A 352 24.11 -23.60 6.97
C ILE A 352 23.22 -24.81 7.35
N ALA A 353 23.83 -25.85 7.92
CA ALA A 353 23.13 -27.03 8.42
C ALA A 353 23.33 -27.07 9.93
N VAL A 354 22.28 -27.42 10.67
CA VAL A 354 22.36 -27.57 12.14
C VAL A 354 21.97 -28.99 12.53
N CYS A 355 22.61 -29.55 13.58
CA CYS A 355 22.48 -30.96 13.95
C CYS A 355 22.07 -31.26 15.40
N ASP A 356 21.80 -32.56 15.64
CA ASP A 356 21.47 -33.17 16.93
C ASP A 356 22.61 -33.06 17.95
N ASP A 357 23.85 -33.00 17.49
CA ASP A 357 25.01 -32.90 18.42
C ASP A 357 25.46 -31.43 18.62
N ALA A 358 24.54 -30.45 18.46
CA ALA A 358 24.76 -29.00 18.63
C ALA A 358 25.74 -28.37 17.64
N SER A 359 26.09 -29.10 16.57
CA SER A 359 27.02 -28.56 15.60
C SER A 359 26.34 -27.78 14.50
N ILE A 360 27.07 -26.79 13.97
CA ILE A 360 26.68 -25.91 12.89
C ILE A 360 27.71 -26.14 11.82
N TRP A 361 27.26 -26.31 10.57
CA TRP A 361 28.12 -26.58 9.44
C TRP A 361 27.88 -25.51 8.41
N ARG A 362 28.96 -24.96 7.85
CA ARG A 362 28.90 -23.91 6.86
C ARG A 362 29.43 -24.39 5.54
N TRP A 363 28.58 -24.34 4.53
CA TRP A 363 28.87 -24.74 3.16
C TRP A 363 28.83 -23.50 2.27
N ASP A 364 29.96 -23.16 1.62
CA ASP A 364 29.95 -22.00 0.73
C ASP A 364 29.78 -22.45 -0.72
N ARG A 365 28.98 -21.72 -1.50
CA ARG A 365 28.76 -22.03 -2.91
C ARG A 365 30.03 -21.71 -3.74
N LEU A 366 30.46 -22.62 -4.64
CA LEU A 366 31.66 -22.43 -5.47
C LEU A 366 31.32 -21.82 -6.81
N LYS B 3 -22.51 16.41 -30.39
CA LYS B 3 -23.62 17.08 -29.72
C LYS B 3 -23.73 16.69 -28.24
N CYS B 4 -23.98 17.69 -27.37
CA CYS B 4 -24.09 17.49 -25.94
C CYS B 4 -25.48 17.06 -25.47
N LYS B 5 -25.49 15.99 -24.66
CA LYS B 5 -26.68 15.39 -24.06
C LYS B 5 -26.91 15.73 -22.57
N TYR B 6 -26.28 16.80 -22.01
CA TYR B 6 -26.51 17.15 -20.59
C TYR B 6 -27.51 18.29 -20.38
N SER B 7 -28.52 18.04 -19.53
CA SER B 7 -29.58 18.98 -19.17
C SER B 7 -29.77 19.00 -17.64
N PHE B 8 -30.05 20.19 -17.09
CA PHE B 8 -30.23 20.40 -15.65
C PHE B 8 -31.42 21.30 -15.35
N LYS B 9 -32.01 21.12 -14.17
CA LYS B 9 -33.14 21.91 -13.69
C LYS B 9 -32.70 22.59 -12.41
N CYS B 10 -33.05 23.85 -12.23
CA CYS B 10 -32.73 24.49 -10.95
C CYS B 10 -33.82 24.09 -10.02
N VAL B 11 -33.47 23.27 -9.02
CA VAL B 11 -34.46 22.73 -8.08
C VAL B 11 -34.50 23.54 -6.78
N ASN B 12 -33.44 24.29 -6.46
CA ASN B 12 -33.40 25.04 -5.23
C ASN B 12 -32.28 26.07 -5.19
N SER B 13 -32.41 26.99 -4.23
CA SER B 13 -31.48 28.05 -3.91
C SER B 13 -31.75 28.54 -2.49
N LEU B 14 -30.72 29.07 -1.85
CA LEU B 14 -30.81 29.69 -0.53
C LEU B 14 -29.73 30.77 -0.46
N LYS B 15 -29.79 31.60 0.57
CA LYS B 15 -28.84 32.68 0.79
C LYS B 15 -28.36 32.55 2.23
N GLU B 16 -27.02 32.55 2.43
CA GLU B 16 -26.41 32.45 3.75
C GLU B 16 -26.63 33.78 4.47
N ASP B 17 -27.10 33.73 5.74
CA ASP B 17 -27.49 34.91 6.51
C ASP B 17 -26.36 35.95 6.73
N HIS B 18 -25.07 35.61 6.47
CA HIS B 18 -23.97 36.58 6.63
C HIS B 18 -23.89 37.60 5.50
N ASN B 19 -24.44 37.24 4.29
CA ASN B 19 -24.52 38.06 3.06
C ASN B 19 -23.15 38.49 2.45
N GLN B 20 -22.06 37.76 2.76
CA GLN B 20 -20.72 38.00 2.21
C GLN B 20 -20.45 37.12 1.00
N PRO B 21 -19.54 37.46 0.06
CA PRO B 21 -19.30 36.54 -1.06
C PRO B 21 -18.85 35.14 -0.65
N LEU B 22 -19.36 34.12 -1.38
CA LEU B 22 -19.00 32.72 -1.15
C LEU B 22 -17.94 32.44 -2.17
N PHE B 23 -16.71 32.19 -1.73
CA PHE B 23 -15.62 31.98 -2.65
C PHE B 23 -15.33 30.51 -2.98
N GLY B 24 -15.79 29.58 -2.15
CA GLY B 24 -15.56 28.17 -2.37
C GLY B 24 -16.76 27.27 -2.15
N VAL B 25 -16.75 26.14 -2.83
CA VAL B 25 -17.76 25.10 -2.77
C VAL B 25 -17.10 23.81 -3.20
N GLN B 26 -17.23 22.78 -2.40
CA GLN B 26 -16.66 21.46 -2.67
C GLN B 26 -17.57 20.36 -2.13
N PHE B 27 -18.01 19.46 -3.01
CA PHE B 27 -18.74 18.26 -2.57
C PHE B 27 -17.70 17.35 -1.96
N ASN B 28 -18.12 16.52 -0.97
CA ASN B 28 -17.25 15.51 -0.36
C ASN B 28 -17.28 14.29 -1.27
N TRP B 29 -16.28 14.11 -2.11
CA TRP B 29 -16.24 12.95 -3.01
C TRP B 29 -15.71 11.67 -2.33
N HIS B 30 -15.37 11.74 -1.02
CA HIS B 30 -14.87 10.54 -0.32
C HIS B 30 -15.99 9.74 0.32
N SER B 31 -17.22 10.30 0.41
CA SER B 31 -18.30 9.55 1.04
C SER B 31 -18.69 8.33 0.18
N LYS B 32 -18.89 7.17 0.84
CA LYS B 32 -19.21 5.91 0.17
C LYS B 32 -20.56 5.98 -0.57
N GLU B 33 -20.76 5.09 -1.57
CA GLU B 33 -21.98 5.05 -2.37
C GLU B 33 -23.16 4.72 -1.47
N GLY B 34 -24.23 5.50 -1.60
CA GLY B 34 -25.42 5.35 -0.77
C GLY B 34 -25.39 6.18 0.50
N ASP B 35 -24.26 6.89 0.74
CA ASP B 35 -24.12 7.80 1.87
C ASP B 35 -24.73 9.13 1.40
N PRO B 36 -25.17 10.03 2.28
CA PRO B 36 -25.74 11.31 1.79
C PRO B 36 -24.69 12.19 1.11
N LEU B 37 -25.11 12.98 0.11
CA LEU B 37 -24.24 13.90 -0.63
C LEU B 37 -24.07 15.17 0.15
N VAL B 38 -22.84 15.45 0.57
CA VAL B 38 -22.55 16.61 1.38
C VAL B 38 -21.60 17.53 0.63
N PHE B 39 -21.85 18.83 0.73
CA PHE B 39 -20.95 19.83 0.17
C PHE B 39 -20.65 20.86 1.25
N ALA B 40 -19.45 21.48 1.16
CA ALA B 40 -19.00 22.55 2.03
C ALA B 40 -18.96 23.84 1.22
N THR B 41 -19.37 24.98 1.82
CA THR B 41 -19.24 26.32 1.22
C THR B 41 -18.36 27.13 2.14
N VAL B 42 -17.60 28.10 1.57
CA VAL B 42 -16.70 28.98 2.34
C VAL B 42 -16.85 30.41 1.87
N GLY B 43 -16.86 31.31 2.84
CA GLY B 43 -17.02 32.74 2.61
C GLY B 43 -16.88 33.49 3.92
N SER B 44 -16.33 34.71 3.87
CA SER B 44 -16.03 35.53 5.06
C SER B 44 -15.23 34.63 6.01
N ASN B 45 -15.62 34.56 7.28
CA ASN B 45 -14.94 33.74 8.28
C ASN B 45 -15.78 32.48 8.56
N ARG B 46 -16.60 32.11 7.58
CA ARG B 46 -17.52 30.97 7.71
C ARG B 46 -17.21 29.79 6.80
N VAL B 47 -17.49 28.60 7.31
CA VAL B 47 -17.40 27.33 6.64
C VAL B 47 -18.75 26.69 6.97
N THR B 48 -19.52 26.28 5.96
CA THR B 48 -20.84 25.68 6.19
C THR B 48 -21.03 24.39 5.39
N LEU B 49 -21.55 23.37 6.06
CA LEU B 49 -21.84 22.07 5.47
C LEU B 49 -23.33 21.93 5.22
N TYR B 50 -23.72 21.32 4.08
CA TYR B 50 -25.12 21.05 3.77
C TYR B 50 -25.24 19.65 3.23
N GLU B 51 -26.42 19.03 3.35
CA GLU B 51 -26.69 17.73 2.71
C GLU B 51 -27.76 17.90 1.63
N CYS B 52 -27.57 17.25 0.48
CA CYS B 52 -28.55 17.24 -0.61
C CYS B 52 -29.53 16.09 -0.38
N HIS B 53 -30.81 16.39 -0.43
CA HIS B 53 -31.86 15.40 -0.26
C HIS B 53 -32.82 15.43 -1.44
N SER B 54 -33.81 14.54 -1.43
CA SER B 54 -34.80 14.47 -2.50
C SER B 54 -35.62 15.78 -2.56
N GLN B 55 -36.27 16.03 -3.70
CA GLN B 55 -37.09 17.21 -4.00
C GLN B 55 -36.27 18.53 -3.88
N GLY B 56 -34.99 18.46 -4.29
CA GLY B 56 -34.04 19.56 -4.26
C GLY B 56 -33.75 20.12 -2.87
N GLU B 57 -34.11 19.38 -1.83
CA GLU B 57 -33.89 19.84 -0.46
C GLU B 57 -32.39 19.96 -0.16
N ILE B 58 -32.01 21.11 0.41
CA ILE B 58 -30.66 21.42 0.86
C ILE B 58 -30.79 21.57 2.38
N ARG B 59 -30.18 20.64 3.12
CA ARG B 59 -30.29 20.65 4.56
C ARG B 59 -29.02 21.11 5.25
N LEU B 60 -29.13 22.24 5.97
CA LEU B 60 -28.06 22.80 6.78
C LEU B 60 -27.66 21.77 7.84
N LEU B 61 -26.36 21.41 7.86
CA LEU B 61 -25.87 20.47 8.86
C LEU B 61 -25.25 21.24 10.02
N GLN B 62 -24.19 22.01 9.75
CA GLN B 62 -23.43 22.77 10.75
C GLN B 62 -22.77 24.00 10.13
N SER B 63 -22.44 24.97 10.97
CA SER B 63 -21.72 26.19 10.56
C SER B 63 -20.51 26.29 11.45
N TYR B 64 -19.39 26.68 10.89
CA TYR B 64 -18.16 26.90 11.65
C TYR B 64 -17.88 28.37 11.47
N VAL B 65 -17.77 29.08 12.59
CA VAL B 65 -17.43 30.49 12.59
C VAL B 65 -15.99 30.58 13.07
N ASP B 66 -15.13 31.21 12.28
CA ASP B 66 -13.73 31.34 12.68
C ASP B 66 -13.62 32.40 13.80
N ALA B 67 -12.79 32.13 14.82
CA ALA B 67 -12.56 33.03 15.95
C ALA B 67 -12.09 34.42 15.48
N ASP B 68 -11.38 34.48 14.35
CA ASP B 68 -10.87 35.71 13.75
C ASP B 68 -11.94 36.26 12.79
N ALA B 69 -12.59 37.38 13.16
CA ALA B 69 -13.61 38.01 12.32
C ALA B 69 -13.06 38.57 10.99
N ASP B 70 -11.75 38.89 10.94
CA ASP B 70 -11.15 39.46 9.74
C ASP B 70 -10.68 38.42 8.74
N GLU B 71 -10.74 37.12 9.12
CA GLU B 71 -10.36 36.01 8.24
C GLU B 71 -11.36 35.90 7.09
N ASN B 72 -10.84 35.80 5.87
CA ASN B 72 -11.64 35.66 4.67
C ASN B 72 -11.22 34.38 3.95
N PHE B 73 -12.01 33.32 4.12
CA PHE B 73 -11.73 31.99 3.55
C PHE B 73 -11.94 32.01 2.04
N TYR B 74 -10.94 31.56 1.27
CA TYR B 74 -11.04 31.55 -0.18
C TYR B 74 -11.17 30.17 -0.76
N THR B 75 -10.78 29.14 0.02
CA THR B 75 -10.70 27.79 -0.47
C THR B 75 -10.94 26.79 0.62
N CYS B 76 -11.44 25.61 0.23
CA CYS B 76 -11.63 24.46 1.13
C CYS B 76 -11.39 23.20 0.30
N ALA B 77 -11.04 22.11 0.97
CA ALA B 77 -10.75 20.83 0.34
C ALA B 77 -11.01 19.73 1.36
N TRP B 78 -11.57 18.61 0.92
CA TRP B 78 -11.91 17.47 1.77
C TRP B 78 -10.86 16.42 1.74
N THR B 79 -10.69 15.70 2.85
CA THR B 79 -9.79 14.55 2.93
C THR B 79 -10.37 13.56 3.94
N TYR B 80 -9.61 12.55 4.31
CA TYR B 80 -10.01 11.58 5.33
C TYR B 80 -8.76 11.14 6.06
N ASP B 81 -8.91 10.81 7.36
CA ASP B 81 -7.85 10.27 8.21
C ASP B 81 -7.53 8.88 7.63
N SER B 82 -6.28 8.69 7.14
CA SER B 82 -5.87 7.42 6.50
C SER B 82 -6.00 6.19 7.44
N ASN B 83 -5.94 6.41 8.77
CA ASN B 83 -6.04 5.33 9.75
C ASN B 83 -7.47 5.02 10.22
N THR B 84 -8.24 6.05 10.60
CA THR B 84 -9.57 5.91 11.21
C THR B 84 -10.77 6.09 10.27
N SER B 85 -10.51 6.35 8.96
CA SER B 85 -11.53 6.57 7.92
C SER B 85 -12.51 7.72 8.23
N HIS B 86 -12.08 8.66 9.06
CA HIS B 86 -12.84 9.81 9.50
C HIS B 86 -12.69 10.93 8.47
N PRO B 87 -13.79 11.58 8.05
CA PRO B 87 -13.67 12.70 7.10
C PRO B 87 -12.99 13.90 7.72
N LEU B 88 -12.32 14.70 6.88
CA LEU B 88 -11.63 15.93 7.31
C LEU B 88 -11.82 17.02 6.28
N LEU B 89 -11.79 18.27 6.71
CA LEU B 89 -11.97 19.41 5.85
C LEU B 89 -10.89 20.45 6.11
N ALA B 90 -10.16 20.85 5.06
CA ALA B 90 -9.14 21.91 5.20
C ALA B 90 -9.67 23.17 4.55
N VAL B 91 -9.48 24.32 5.22
CA VAL B 91 -9.88 25.66 4.78
C VAL B 91 -8.74 26.66 4.99
N ALA B 92 -8.66 27.69 4.16
CA ALA B 92 -7.65 28.76 4.29
C ALA B 92 -8.13 29.94 3.47
N GLY B 93 -7.53 31.08 3.70
CA GLY B 93 -7.85 32.30 3.01
C GLY B 93 -6.84 33.39 3.30
N SER B 94 -7.35 34.63 3.44
CA SER B 94 -6.59 35.88 3.64
C SER B 94 -5.53 35.86 4.73
N ARG B 95 -5.76 35.13 5.83
CA ARG B 95 -4.81 35.13 6.93
C ARG B 95 -3.57 34.25 6.70
N GLY B 96 -3.60 33.42 5.65
CA GLY B 96 -2.49 32.52 5.34
C GLY B 96 -2.29 31.37 6.31
N ILE B 97 -3.38 31.00 7.02
CA ILE B 97 -3.34 29.90 7.98
C ILE B 97 -4.22 28.80 7.43
N ILE B 98 -3.72 27.55 7.44
CA ILE B 98 -4.50 26.40 7.00
C ILE B 98 -5.16 25.85 8.24
N ARG B 99 -6.48 25.70 8.23
CA ARG B 99 -7.20 25.09 9.36
C ARG B 99 -7.79 23.75 8.95
N ILE B 100 -7.55 22.72 9.77
CA ILE B 100 -8.08 21.38 9.56
C ILE B 100 -9.21 21.29 10.53
N ILE B 101 -10.42 21.08 10.02
CA ILE B 101 -11.65 21.00 10.80
C ILE B 101 -12.20 19.59 10.71
N ASN B 102 -12.73 19.11 11.84
CA ASN B 102 -13.40 17.81 11.95
C ASN B 102 -14.82 18.16 11.45
N PRO B 103 -15.29 17.65 10.29
CA PRO B 103 -16.60 18.11 9.79
C PRO B 103 -17.81 17.50 10.52
N ILE B 104 -17.62 16.37 11.24
CA ILE B 104 -18.68 15.70 12.04
C ILE B 104 -19.00 16.59 13.28
N THR B 105 -17.98 17.11 13.93
CA THR B 105 -18.15 17.97 15.12
C THR B 105 -18.10 19.47 14.77
N MET B 106 -17.70 19.82 13.53
CA MET B 106 -17.52 21.19 13.03
C MET B 106 -16.58 22.04 13.92
N GLN B 107 -15.54 21.38 14.47
CA GLN B 107 -14.55 22.05 15.29
C GLN B 107 -13.18 21.92 14.66
N CYS B 108 -12.34 22.94 14.84
CA CYS B 108 -10.97 22.98 14.35
C CYS B 108 -10.12 21.98 15.12
N ILE B 109 -9.41 21.08 14.40
CA ILE B 109 -8.52 20.06 14.96
C ILE B 109 -7.16 20.68 15.22
N LYS B 110 -6.57 21.36 14.22
CA LYS B 110 -5.24 21.95 14.24
C LYS B 110 -5.07 22.93 13.08
N HIS B 111 -4.03 23.76 13.14
CA HIS B 111 -3.72 24.73 12.10
C HIS B 111 -2.24 24.72 11.68
N TYR B 112 -1.96 25.25 10.47
CA TYR B 112 -0.63 25.34 9.90
C TYR B 112 -0.32 26.75 9.50
N VAL B 113 0.73 27.31 10.09
CA VAL B 113 1.23 28.63 9.73
C VAL B 113 2.56 28.38 9.00
N GLY B 114 2.91 29.28 8.11
CA GLY B 114 4.14 29.20 7.36
C GLY B 114 4.15 30.14 6.18
N HIS B 115 3.03 30.16 5.40
CA HIS B 115 2.90 31.03 4.23
C HIS B 115 2.94 32.48 4.69
N GLY B 116 3.73 33.30 4.00
CA GLY B 116 3.86 34.73 4.32
C GLY B 116 2.72 35.62 3.91
N ASN B 117 1.72 35.04 3.19
CA ASN B 117 0.55 35.76 2.68
C ASN B 117 -0.67 34.83 2.46
N ALA B 118 -1.78 35.38 1.99
CA ALA B 118 -3.05 34.69 1.79
C ALA B 118 -2.92 33.40 0.98
N ILE B 119 -3.78 32.41 1.28
CA ILE B 119 -3.79 31.16 0.51
C ILE B 119 -4.99 31.17 -0.43
N ASN B 120 -4.72 31.01 -1.74
CA ASN B 120 -5.69 31.01 -2.83
C ASN B 120 -6.29 29.65 -3.14
N GLU B 121 -5.56 28.55 -2.83
CA GLU B 121 -6.04 27.20 -3.12
C GLU B 121 -5.41 26.13 -2.26
N LEU B 122 -6.23 25.12 -1.90
CA LEU B 122 -5.81 23.91 -1.20
C LEU B 122 -6.27 22.74 -2.05
N LYS B 123 -5.44 21.73 -2.16
CA LYS B 123 -5.76 20.49 -2.88
C LYS B 123 -5.10 19.35 -2.16
N PHE B 124 -5.81 18.23 -2.09
CA PHE B 124 -5.26 17.03 -1.49
C PHE B 124 -4.78 16.14 -2.59
N HIS B 125 -3.67 15.42 -2.35
CA HIS B 125 -3.10 14.47 -3.29
C HIS B 125 -4.18 13.41 -3.61
N PRO B 126 -4.37 12.98 -4.89
CA PRO B 126 -5.44 11.99 -5.18
C PRO B 126 -5.24 10.55 -4.66
N ARG B 127 -3.98 10.18 -4.28
CA ARG B 127 -3.65 8.84 -3.78
C ARG B 127 -3.33 8.85 -2.30
N ASP B 128 -2.64 9.90 -1.81
CA ASP B 128 -2.27 9.98 -0.40
C ASP B 128 -3.08 11.10 0.27
N PRO B 129 -4.08 10.69 1.06
CA PRO B 129 -4.94 11.65 1.77
C PRO B 129 -4.25 12.61 2.73
N ASN B 130 -2.98 12.37 3.09
CA ASN B 130 -2.27 13.22 4.06
C ASN B 130 -1.48 14.34 3.37
N LEU B 131 -1.33 14.24 2.04
CA LEU B 131 -0.55 15.23 1.31
C LEU B 131 -1.41 16.40 0.84
N LEU B 132 -1.23 17.56 1.47
CA LEU B 132 -1.99 18.77 1.19
C LEU B 132 -1.10 19.82 0.51
N LEU B 133 -1.55 20.35 -0.62
CA LEU B 133 -0.84 21.39 -1.32
C LEU B 133 -1.59 22.75 -1.13
N SER B 134 -0.86 23.79 -0.74
CA SER B 134 -1.40 25.13 -0.61
C SER B 134 -0.65 26.03 -1.56
N VAL B 135 -1.39 26.95 -2.19
CA VAL B 135 -0.88 27.88 -3.18
C VAL B 135 -1.11 29.28 -2.60
N SER B 136 -0.12 30.13 -2.69
CA SER B 136 -0.14 31.39 -1.98
C SER B 136 0.28 32.66 -2.71
N LYS B 137 -0.19 33.78 -2.14
CA LYS B 137 0.16 35.14 -2.53
C LYS B 137 1.65 35.40 -2.19
N ASP B 138 2.28 34.52 -1.39
CA ASP B 138 3.71 34.70 -1.10
C ASP B 138 4.63 34.22 -2.26
N HIS B 139 4.04 33.86 -3.44
CA HIS B 139 4.74 33.42 -4.66
C HIS B 139 5.14 31.94 -4.64
N ALA B 140 4.82 31.22 -3.56
CA ALA B 140 5.15 29.80 -3.45
C ALA B 140 3.96 28.85 -3.31
N LEU B 141 4.22 27.57 -3.56
CA LEU B 141 3.34 26.42 -3.33
C LEU B 141 4.00 25.67 -2.20
N ARG B 142 3.20 25.14 -1.26
CA ARG B 142 3.74 24.38 -0.15
C ARG B 142 3.07 23.04 -0.06
N LEU B 143 3.86 22.00 0.19
CA LEU B 143 3.30 20.67 0.30
C LEU B 143 3.48 20.21 1.73
N TRP B 144 2.37 19.80 2.36
CA TRP B 144 2.30 19.40 3.76
C TRP B 144 1.86 17.97 3.94
N ASN B 145 2.42 17.29 4.95
CA ASN B 145 2.01 15.97 5.41
C ASN B 145 1.23 16.28 6.69
N ILE B 146 -0.11 16.22 6.63
CA ILE B 146 -0.99 16.52 7.76
C ILE B 146 -1.11 15.33 8.74
N GLN B 147 -0.51 14.17 8.41
CA GLN B 147 -0.51 13.08 9.39
C GLN B 147 0.62 13.31 10.41
N THR B 148 1.76 13.86 9.98
CA THR B 148 2.90 14.10 10.87
C THR B 148 3.15 15.56 11.17
N ASP B 149 2.32 16.48 10.62
CA ASP B 149 2.41 17.94 10.83
C ASP B 149 3.75 18.53 10.35
N THR B 150 4.20 18.08 9.17
CA THR B 150 5.44 18.56 8.59
C THR B 150 5.26 19.24 7.24
N LEU B 151 6.11 20.21 6.97
CA LEU B 151 6.15 20.88 5.70
C LEU B 151 7.12 20.04 4.87
N VAL B 152 6.58 19.29 3.92
CA VAL B 152 7.36 18.43 3.01
C VAL B 152 8.25 19.25 2.08
N ALA B 153 7.65 20.23 1.37
CA ALA B 153 8.36 21.01 0.37
C ALA B 153 7.79 22.40 0.11
N ILE B 154 8.67 23.30 -0.34
CA ILE B 154 8.33 24.67 -0.78
C ILE B 154 8.73 24.77 -2.25
N PHE B 155 7.75 25.02 -3.12
CA PHE B 155 7.99 25.12 -4.55
C PHE B 155 7.96 26.60 -4.87
N GLY B 156 9.16 27.15 -5.00
CA GLY B 156 9.39 28.57 -5.22
C GLY B 156 10.86 28.91 -5.13
N GLY B 157 11.21 30.13 -5.46
CA GLY B 157 12.61 30.58 -5.40
C GLY B 157 13.12 31.05 -6.73
N VAL B 158 14.38 30.68 -7.03
CA VAL B 158 15.16 31.12 -8.19
C VAL B 158 14.37 31.04 -9.51
N GLU B 159 13.65 29.94 -9.78
CA GLU B 159 12.82 29.83 -10.98
C GLU B 159 11.34 29.56 -10.64
N GLY B 160 10.95 29.87 -9.41
CA GLY B 160 9.56 29.74 -8.97
C GLY B 160 8.74 30.91 -9.52
N HIS B 161 7.45 30.98 -9.13
CA HIS B 161 6.61 32.10 -9.60
C HIS B 161 7.17 33.48 -9.19
N ARG B 162 6.98 34.49 -10.04
CA ARG B 162 7.47 35.87 -9.80
C ARG B 162 6.40 36.77 -9.16
N ASP B 163 5.18 36.23 -9.02
CA ASP B 163 4.03 36.92 -8.46
C ASP B 163 3.11 35.89 -7.79
N GLU B 164 1.98 36.36 -7.26
CA GLU B 164 0.99 35.57 -6.53
C GLU B 164 0.53 34.33 -7.23
N VAL B 165 0.54 33.16 -6.54
CA VAL B 165 0.10 31.89 -7.14
C VAL B 165 -1.39 31.81 -6.87
N LEU B 166 -2.14 31.59 -7.94
CA LEU B 166 -3.60 31.65 -7.95
C LEU B 166 -4.32 30.30 -7.87
N SER B 167 -3.73 29.28 -8.51
CA SER B 167 -4.30 27.97 -8.62
C SER B 167 -3.22 26.93 -8.90
N ALA B 168 -3.52 25.68 -8.56
CA ALA B 168 -2.64 24.54 -8.82
C ALA B 168 -3.47 23.30 -8.90
N ASP B 169 -2.91 22.25 -9.50
CA ASP B 169 -3.64 21.01 -9.65
C ASP B 169 -2.70 19.84 -9.84
N TYR B 170 -3.04 18.75 -9.16
CA TYR B 170 -2.35 17.46 -9.27
C TYR B 170 -2.96 16.77 -10.50
N ASP B 171 -2.17 15.98 -11.23
CA ASP B 171 -2.71 15.17 -12.32
C ASP B 171 -3.45 13.96 -11.66
N LEU B 172 -4.10 13.08 -12.46
CA LEU B 172 -4.95 12.00 -11.93
C LEU B 172 -4.24 11.07 -10.96
N LEU B 173 -3.01 10.66 -11.24
CA LEU B 173 -2.33 9.74 -10.34
C LEU B 173 -1.41 10.39 -9.31
N GLY B 174 -1.39 11.71 -9.27
CA GLY B 174 -0.61 12.47 -8.29
C GLY B 174 0.89 12.43 -8.48
N GLU B 175 1.35 12.33 -9.75
CA GLU B 175 2.78 12.32 -10.07
C GLU B 175 3.36 13.72 -10.32
N LYS B 176 2.48 14.71 -10.58
CA LYS B 176 2.92 16.07 -10.90
C LYS B 176 1.88 17.13 -10.63
N ILE B 177 2.32 18.40 -10.53
CA ILE B 177 1.48 19.53 -10.21
C ILE B 177 1.65 20.62 -11.26
N MET B 178 0.56 21.26 -11.66
CA MET B 178 0.63 22.40 -12.56
C MET B 178 0.14 23.58 -11.74
N SER B 179 0.93 24.64 -11.66
CA SER B 179 0.60 25.85 -10.91
C SER B 179 0.51 27.05 -11.85
N CYS B 180 -0.27 28.05 -11.48
CA CYS B 180 -0.45 29.22 -12.34
C CYS B 180 -0.65 30.45 -11.50
N GLY B 181 -0.27 31.60 -12.01
CA GLY B 181 -0.47 32.83 -11.25
C GLY B 181 -0.51 34.16 -11.96
N MET B 182 -0.29 35.20 -11.18
CA MET B 182 -0.28 36.60 -11.57
C MET B 182 0.90 36.98 -12.47
N ASP B 183 1.94 36.15 -12.51
CA ASP B 183 3.12 36.38 -13.36
C ASP B 183 2.88 35.82 -14.77
N HIS B 184 1.63 35.44 -15.10
CA HIS B 184 1.17 34.88 -16.40
C HIS B 184 1.71 33.50 -16.68
N SER B 185 2.52 32.92 -15.78
CA SER B 185 3.08 31.61 -16.11
C SER B 185 2.35 30.43 -15.50
N LEU B 186 2.51 29.29 -16.16
CA LEU B 186 2.03 27.97 -15.78
C LEU B 186 3.28 27.15 -15.59
N LYS B 187 3.49 26.60 -14.38
CA LYS B 187 4.68 25.81 -14.04
C LYS B 187 4.37 24.38 -13.62
N LEU B 188 5.20 23.42 -14.10
CA LEU B 188 5.09 22.01 -13.81
C LEU B 188 6.06 21.68 -12.74
N TRP B 189 5.60 20.92 -11.70
CA TRP B 189 6.45 20.42 -10.62
C TRP B 189 6.22 18.95 -10.51
N ARG B 190 7.27 18.16 -10.76
CA ARG B 190 7.17 16.71 -10.69
C ARG B 190 7.37 16.28 -9.27
N ILE B 191 6.41 15.50 -8.77
CA ILE B 191 6.50 15.03 -7.40
C ILE B 191 6.77 13.51 -7.34
N ASN B 192 6.99 12.85 -8.51
CA ASN B 192 7.36 11.44 -8.59
C ASN B 192 8.89 11.33 -8.83
N SER B 193 9.62 12.46 -8.71
CA SER B 193 11.07 12.46 -8.82
C SER B 193 11.60 11.76 -7.57
N LYS B 194 12.79 11.14 -7.68
CA LYS B 194 13.42 10.45 -6.55
C LYS B 194 13.58 11.38 -5.38
N ARG B 195 13.92 12.66 -5.64
CA ARG B 195 14.08 13.69 -4.61
C ARG B 195 12.79 13.90 -3.79
N MET B 196 11.65 14.08 -4.51
CA MET B 196 10.34 14.33 -3.88
C MET B 196 9.71 13.08 -3.22
N MET B 197 9.83 11.91 -3.84
CA MET B 197 9.33 10.65 -3.24
C MET B 197 10.07 10.36 -1.94
N ASN B 198 11.37 10.66 -1.89
CA ASN B 198 12.14 10.46 -0.67
C ASN B 198 11.78 11.50 0.40
N ALA B 199 11.54 12.77 -0.02
CA ALA B 199 11.12 13.85 0.89
C ALA B 199 9.76 13.49 1.51
N ILE B 200 8.84 12.90 0.72
CA ILE B 200 7.52 12.47 1.20
C ILE B 200 7.71 11.27 2.18
N LYS B 201 8.57 10.29 1.84
CA LYS B 201 8.87 9.14 2.72
C LYS B 201 9.47 9.63 4.07
N GLU B 202 10.39 10.61 4.02
CA GLU B 202 11.02 11.19 5.21
C GLU B 202 10.04 11.89 6.13
N SER B 203 9.03 12.60 5.55
CA SER B 203 7.99 13.33 6.33
C SER B 203 7.16 12.33 7.15
N TYR B 204 7.09 11.08 6.69
CA TYR B 204 6.44 9.97 7.41
C TYR B 204 7.35 9.30 8.47
N ASP B 205 8.69 9.52 8.42
CA ASP B 205 9.62 8.91 9.38
C ASP B 205 9.92 9.81 10.58
N TYR B 206 9.64 11.12 10.44
CA TYR B 206 9.82 12.15 11.46
C TYR B 206 8.87 11.92 12.64
N PRO B 214 13.52 19.19 14.59
CA PRO B 214 12.72 19.86 13.55
C PRO B 214 12.94 19.22 12.17
N PHE B 215 11.85 19.11 11.38
CA PHE B 215 11.93 18.50 10.04
C PHE B 215 12.43 19.51 9.02
N ILE B 216 13.39 19.09 8.18
CA ILE B 216 13.95 19.92 7.12
C ILE B 216 13.14 19.75 5.83
N SER B 217 12.45 20.81 5.47
CA SER B 217 11.63 20.88 4.28
C SER B 217 12.50 21.02 3.01
N GLN B 218 12.08 20.38 1.89
CA GLN B 218 12.79 20.52 0.62
C GLN B 218 12.49 21.90 0.08
N LYS B 219 13.50 22.57 -0.45
CA LYS B 219 13.33 23.89 -1.06
C LYS B 219 13.51 23.65 -2.57
N ILE B 220 12.37 23.55 -3.33
CA ILE B 220 12.34 23.27 -4.78
C ILE B 220 12.37 24.59 -5.58
N HIS B 221 13.56 25.03 -6.03
CA HIS B 221 13.73 26.31 -6.75
C HIS B 221 13.45 26.26 -8.25
N PHE B 222 13.42 25.05 -8.82
CA PHE B 222 13.34 24.85 -10.25
C PHE B 222 12.19 23.94 -10.72
N PRO B 223 11.25 24.47 -11.52
CA PRO B 223 10.15 23.62 -12.02
C PRO B 223 10.62 22.74 -13.18
N ASP B 224 9.82 21.74 -13.56
CA ASP B 224 10.17 20.79 -14.61
C ASP B 224 9.70 21.21 -16.01
N PHE B 225 9.06 22.40 -16.10
CA PHE B 225 8.51 23.07 -17.30
C PHE B 225 7.89 24.36 -16.88
N SER B 226 7.99 25.39 -17.74
CA SER B 226 7.43 26.69 -17.48
C SER B 226 7.07 27.37 -18.80
N THR B 227 5.90 28.02 -18.85
CA THR B 227 5.47 28.77 -20.04
C THR B 227 4.71 30.01 -19.66
N ARG B 228 4.98 31.11 -20.37
CA ARG B 228 4.30 32.40 -20.23
C ARG B 228 3.53 32.70 -21.54
N ASP B 229 3.53 31.73 -22.49
CA ASP B 229 2.99 31.81 -23.86
C ASP B 229 1.57 31.23 -24.09
N ILE B 230 0.77 31.01 -23.04
CA ILE B 230 -0.58 30.50 -23.26
C ILE B 230 -1.55 31.67 -23.20
N HIS B 231 -1.41 32.47 -22.13
CA HIS B 231 -2.26 33.61 -21.84
C HIS B 231 -1.44 34.90 -21.83
N ARG B 232 -2.08 36.01 -22.17
CA ARG B 232 -1.44 37.33 -22.20
C ARG B 232 -1.74 38.10 -20.91
N ASN B 233 -2.26 37.40 -19.88
CA ASN B 233 -2.61 38.00 -18.59
C ASN B 233 -2.53 36.97 -17.44
N TYR B 234 -2.96 37.32 -16.20
CA TYR B 234 -2.97 36.40 -15.05
C TYR B 234 -3.69 35.08 -15.42
N VAL B 235 -3.19 33.95 -14.93
CA VAL B 235 -3.82 32.64 -15.11
C VAL B 235 -4.38 32.36 -13.71
N ASP B 236 -5.74 32.40 -13.58
CA ASP B 236 -6.37 32.28 -12.27
C ASP B 236 -6.92 30.88 -11.98
N CYS B 237 -6.86 29.96 -12.96
CA CYS B 237 -7.34 28.62 -12.78
C CYS B 237 -6.65 27.65 -13.64
N VAL B 238 -6.23 26.54 -13.06
CA VAL B 238 -5.55 25.47 -13.80
C VAL B 238 -6.00 24.10 -13.31
N ARG B 239 -6.30 23.22 -14.27
CA ARG B 239 -6.65 21.82 -14.00
C ARG B 239 -6.09 20.90 -15.09
N TRP B 240 -5.72 19.69 -14.72
CA TRP B 240 -5.30 18.71 -15.68
C TRP B 240 -6.51 18.04 -16.37
N LEU B 241 -6.37 17.73 -17.65
CA LEU B 241 -7.36 16.92 -18.35
C LEU B 241 -6.53 15.78 -19.01
N GLY B 242 -6.32 14.71 -18.26
CA GLY B 242 -5.44 13.61 -18.65
C GLY B 242 -4.02 14.14 -18.72
N ASP B 243 -3.39 14.12 -19.92
CA ASP B 243 -2.03 14.65 -20.17
C ASP B 243 -2.07 16.10 -20.67
N LEU B 244 -3.28 16.63 -20.86
CA LEU B 244 -3.54 18.00 -21.29
C LEU B 244 -3.81 18.90 -20.10
N ILE B 245 -3.70 20.20 -20.31
CA ILE B 245 -3.94 21.22 -19.32
C ILE B 245 -5.09 22.06 -19.82
N LEU B 246 -5.90 22.53 -18.87
CA LEU B 246 -6.99 23.46 -19.06
C LEU B 246 -6.61 24.63 -18.17
N SER B 247 -6.57 25.80 -18.75
CA SER B 247 -6.26 27.01 -17.98
C SER B 247 -7.03 28.19 -18.54
N LYS B 248 -7.35 29.11 -17.67
CA LYS B 248 -8.04 30.32 -18.07
C LYS B 248 -7.41 31.57 -17.50
N SER B 249 -7.60 32.67 -18.25
CA SER B 249 -7.15 34.01 -17.93
C SER B 249 -8.37 34.97 -18.15
N CYS B 250 -8.14 36.07 -18.89
CA CYS B 250 -8.93 37.22 -19.34
C CYS B 250 -9.87 36.96 -20.50
N GLU B 251 -9.28 36.40 -21.57
CA GLU B 251 -9.75 36.15 -22.94
C GLU B 251 -11.14 35.49 -23.14
N ASN B 252 -11.94 35.31 -22.04
CA ASN B 252 -13.26 34.65 -22.06
C ASN B 252 -13.18 33.25 -22.64
N ALA B 253 -12.08 32.56 -22.37
CA ALA B 253 -11.86 31.23 -22.88
C ALA B 253 -11.03 30.35 -21.94
N ILE B 254 -11.35 29.06 -21.91
CA ILE B 254 -10.54 28.06 -21.21
C ILE B 254 -9.74 27.47 -22.35
N VAL B 255 -8.42 27.47 -22.22
CA VAL B 255 -7.54 26.96 -23.23
C VAL B 255 -7.06 25.59 -22.86
N CYS B 256 -7.23 24.66 -23.79
CA CYS B 256 -6.73 23.31 -23.66
C CYS B 256 -5.41 23.25 -24.40
N TRP B 257 -4.30 22.98 -23.66
CA TRP B 257 -2.95 22.93 -24.22
C TRP B 257 -2.07 21.83 -23.57
N LYS B 258 -0.86 21.65 -24.09
CA LYS B 258 0.10 20.66 -23.60
C LYS B 258 1.48 21.23 -23.76
N PRO B 259 2.43 20.91 -22.84
CA PRO B 259 3.82 21.37 -23.02
C PRO B 259 4.42 20.72 -24.25
N GLY B 260 5.38 21.39 -24.88
CA GLY B 260 6.08 20.88 -26.06
C GLY B 260 5.25 20.85 -27.33
N LYS B 261 5.78 20.23 -28.36
CA LYS B 261 5.12 20.08 -29.65
C LYS B 261 4.03 18.99 -29.59
N MET B 262 3.19 18.88 -30.66
CA MET B 262 2.04 17.97 -30.77
C MET B 262 2.27 16.54 -30.32
N GLU B 263 3.44 15.97 -30.64
CA GLU B 263 3.77 14.58 -30.32
C GLU B 263 4.57 14.40 -29.02
N ASP B 264 4.99 15.52 -28.40
CA ASP B 264 5.84 15.49 -27.19
C ASP B 264 5.13 14.90 -25.98
N ASP B 265 5.59 13.70 -25.54
CA ASP B 265 5.05 12.97 -24.39
C ASP B 265 5.38 13.72 -23.09
N ILE B 266 4.35 13.91 -22.24
CA ILE B 266 4.43 14.68 -20.99
C ILE B 266 5.55 14.21 -20.04
N ASP B 267 5.85 12.91 -20.00
CA ASP B 267 6.91 12.41 -19.13
C ASP B 267 8.30 12.52 -19.76
N LYS B 268 8.36 13.00 -21.02
CA LYS B 268 9.60 13.15 -21.76
C LYS B 268 10.04 14.62 -21.94
N ILE B 269 9.16 15.61 -21.66
CA ILE B 269 9.50 17.03 -21.86
C ILE B 269 10.64 17.43 -20.89
N LYS B 270 11.62 18.21 -21.40
CA LYS B 270 12.78 18.65 -20.60
C LYS B 270 12.46 19.95 -19.84
N PRO B 271 13.13 20.23 -18.68
CA PRO B 271 12.84 21.47 -17.94
C PRO B 271 13.08 22.77 -18.72
N SER B 272 13.87 22.70 -19.82
CA SER B 272 14.22 23.79 -20.72
C SER B 272 13.28 23.87 -21.97
N GLU B 273 12.32 22.93 -22.13
CA GLU B 273 11.36 22.91 -23.25
C GLU B 273 10.67 24.28 -23.45
N SER B 274 10.88 24.84 -24.66
CA SER B 274 10.38 26.14 -25.11
C SER B 274 9.05 26.07 -25.89
N ASN B 275 8.69 24.90 -26.41
CA ASN B 275 7.45 24.77 -27.17
C ASN B 275 6.22 24.47 -26.30
N VAL B 276 5.06 24.74 -26.89
CA VAL B 276 3.75 24.56 -26.31
C VAL B 276 2.75 24.34 -27.47
N THR B 277 1.76 23.45 -27.27
CA THR B 277 0.75 23.12 -28.27
C THR B 277 -0.67 23.35 -27.76
N ILE B 278 -1.36 24.35 -28.32
CA ILE B 278 -2.76 24.65 -28.02
C ILE B 278 -3.54 23.62 -28.84
N LEU B 279 -4.50 22.95 -28.21
CA LEU B 279 -5.31 21.94 -28.87
C LEU B 279 -6.73 22.42 -29.10
N GLY B 280 -7.19 23.36 -28.28
CA GLY B 280 -8.54 23.88 -28.37
C GLY B 280 -8.83 24.94 -27.32
N ARG B 281 -10.06 25.49 -27.40
CA ARG B 281 -10.54 26.60 -26.60
C ARG B 281 -12.04 26.46 -26.32
N PHE B 282 -12.47 26.63 -25.05
CA PHE B 282 -13.88 26.62 -24.66
C PHE B 282 -14.21 28.08 -24.40
N ASP B 283 -14.91 28.70 -25.34
CA ASP B 283 -15.29 30.11 -25.28
C ASP B 283 -16.63 30.28 -24.64
N TYR B 284 -16.74 31.33 -23.82
CA TYR B 284 -17.95 31.70 -23.10
C TYR B 284 -18.02 33.24 -23.11
N SER B 285 -18.84 33.85 -22.24
CA SER B 285 -19.00 35.30 -22.16
C SER B 285 -19.05 35.79 -20.72
N GLN B 286 -18.86 37.08 -20.56
CA GLN B 286 -18.96 37.87 -19.33
C GLN B 286 -18.26 37.23 -18.13
N CYS B 287 -17.02 36.77 -18.36
CA CYS B 287 -16.17 36.19 -17.33
C CYS B 287 -14.73 36.68 -17.59
N ASP B 288 -14.59 38.00 -17.77
CA ASP B 288 -13.33 38.69 -18.01
C ASP B 288 -12.72 39.22 -16.70
N ILE B 289 -13.43 39.06 -15.55
CA ILE B 289 -12.96 39.48 -14.22
C ILE B 289 -12.17 38.37 -13.50
N TRP B 290 -11.34 38.77 -12.53
CA TRP B 290 -10.49 37.86 -11.76
C TRP B 290 -11.23 37.07 -10.68
N TYR B 291 -10.64 35.91 -10.30
CA TYR B 291 -11.07 35.01 -9.23
C TYR B 291 -12.37 34.28 -9.55
N MET B 292 -12.33 33.50 -10.63
CA MET B 292 -13.45 32.69 -11.13
C MET B 292 -12.84 31.33 -11.46
N ARG B 293 -13.24 30.30 -10.69
CA ARG B 293 -12.70 28.96 -10.92
C ARG B 293 -13.59 28.13 -11.86
N PHE B 294 -12.97 27.22 -12.63
CA PHE B 294 -13.80 26.28 -13.38
C PHE B 294 -13.64 24.92 -12.70
N SER B 295 -14.55 23.99 -12.95
CA SER B 295 -14.49 22.69 -12.30
C SER B 295 -14.91 21.62 -13.30
N MET B 296 -14.62 20.35 -12.97
CA MET B 296 -15.01 19.20 -13.77
C MET B 296 -15.64 18.21 -12.84
N ASP B 297 -16.33 17.21 -13.38
CA ASP B 297 -16.90 16.15 -12.59
C ASP B 297 -15.80 15.09 -12.34
N PHE B 298 -16.07 14.05 -11.53
CA PHE B 298 -15.08 13.01 -11.19
C PHE B 298 -14.49 12.29 -12.42
N TRP B 299 -15.35 11.92 -13.37
CA TRP B 299 -14.92 11.20 -14.57
C TRP B 299 -14.42 12.10 -15.67
N GLN B 300 -14.43 13.43 -15.45
CA GLN B 300 -13.96 14.44 -16.40
C GLN B 300 -14.70 14.35 -17.76
N LYS B 301 -16.02 14.18 -17.70
CA LYS B 301 -16.93 14.11 -18.84
C LYS B 301 -17.66 15.45 -18.97
N MET B 302 -17.63 16.25 -17.90
CA MET B 302 -18.27 17.56 -17.82
C MET B 302 -17.33 18.62 -17.30
N LEU B 303 -17.46 19.82 -17.87
CA LEU B 303 -16.68 21.01 -17.51
C LEU B 303 -17.67 22.10 -17.21
N ALA B 304 -17.44 22.85 -16.14
CA ALA B 304 -18.37 23.90 -15.74
C ALA B 304 -17.67 25.14 -15.26
N LEU B 305 -18.24 26.28 -15.60
CA LEU B 305 -17.76 27.60 -15.18
C LEU B 305 -18.94 28.55 -15.13
N GLY B 306 -19.02 29.30 -14.05
CA GLY B 306 -20.00 30.35 -13.91
C GLY B 306 -19.36 31.68 -14.30
N ASN B 307 -20.21 32.65 -14.70
CA ASN B 307 -19.71 33.96 -15.10
C ASN B 307 -20.13 35.02 -14.10
N GLN B 308 -19.75 36.27 -14.35
CA GLN B 308 -20.00 37.39 -13.42
C GLN B 308 -21.45 37.84 -13.37
N VAL B 309 -22.26 37.28 -14.21
CA VAL B 309 -23.63 37.71 -14.27
C VAL B 309 -24.62 36.54 -13.89
N GLY B 310 -24.10 35.43 -13.36
CA GLY B 310 -24.97 34.35 -12.91
C GLY B 310 -25.33 33.30 -13.93
N LYS B 311 -24.67 33.30 -15.08
CA LYS B 311 -24.88 32.21 -16.04
C LYS B 311 -23.90 31.06 -15.67
N LEU B 312 -24.30 29.81 -15.92
CA LEU B 312 -23.46 28.66 -15.63
C LEU B 312 -23.25 27.90 -16.93
N TYR B 313 -22.01 27.87 -17.42
CA TYR B 313 -21.69 27.20 -18.66
C TYR B 313 -21.27 25.78 -18.38
N VAL B 314 -21.80 24.85 -19.16
CA VAL B 314 -21.46 23.45 -19.05
C VAL B 314 -21.11 22.95 -20.44
N TRP B 315 -20.01 22.16 -20.53
CA TRP B 315 -19.51 21.56 -21.77
C TRP B 315 -19.35 20.07 -21.57
N ASP B 316 -19.62 19.28 -22.64
CA ASP B 316 -19.44 17.84 -22.67
C ASP B 316 -18.03 17.59 -23.18
N LEU B 317 -17.19 17.06 -22.31
CA LEU B 317 -15.79 16.79 -22.59
C LEU B 317 -15.58 15.55 -23.47
N GLU B 318 -16.57 14.65 -23.53
CA GLU B 318 -16.48 13.50 -24.42
C GLU B 318 -16.76 13.93 -25.88
N VAL B 319 -17.07 15.22 -26.13
CA VAL B 319 -17.31 15.79 -27.47
C VAL B 319 -15.99 16.48 -27.91
N GLU B 320 -15.32 15.87 -28.92
CA GLU B 320 -14.02 16.28 -29.49
C GLU B 320 -13.90 17.79 -29.80
N ASP B 321 -14.78 18.36 -30.67
CA ASP B 321 -14.71 19.80 -30.97
C ASP B 321 -15.16 20.63 -29.77
N PRO B 322 -14.25 21.48 -29.22
CA PRO B 322 -14.64 22.30 -28.05
C PRO B 322 -15.83 23.23 -28.31
N HIS B 323 -16.02 23.65 -29.57
CA HIS B 323 -17.13 24.52 -29.98
C HIS B 323 -18.45 23.75 -30.13
N LYS B 324 -18.39 22.43 -30.29
CA LYS B 324 -19.58 21.57 -30.42
C LYS B 324 -19.87 20.81 -29.11
N ALA B 325 -18.96 20.98 -28.15
CA ALA B 325 -19.03 20.41 -26.80
C ALA B 325 -20.04 21.15 -25.91
N LYS B 326 -20.30 22.43 -26.24
CA LYS B 326 -21.14 23.36 -25.50
C LYS B 326 -22.57 22.84 -25.26
N CYS B 327 -23.00 22.83 -23.97
CA CYS B 327 -24.32 22.42 -23.48
C CYS B 327 -25.21 23.64 -23.38
N THR B 328 -26.51 23.44 -23.05
CA THR B 328 -27.41 24.57 -22.83
C THR B 328 -26.95 25.22 -21.53
N THR B 329 -26.67 26.56 -21.57
CA THR B 329 -26.17 27.30 -20.43
C THR B 329 -27.29 27.42 -19.42
N LEU B 330 -26.91 27.39 -18.15
CA LEU B 330 -27.85 27.36 -17.04
C LEU B 330 -28.10 28.73 -16.53
N THR B 331 -29.37 29.09 -16.48
CA THR B 331 -29.79 30.41 -16.08
C THR B 331 -31.07 30.39 -15.23
N HIS B 332 -31.15 31.34 -14.30
CA HIS B 332 -32.31 31.53 -13.46
C HIS B 332 -32.46 33.04 -13.35
N HIS B 333 -33.66 33.54 -13.59
CA HIS B 333 -33.93 34.97 -13.58
C HIS B 333 -33.54 35.66 -12.23
N LYS B 334 -33.44 34.89 -11.12
CA LYS B 334 -33.04 35.46 -9.81
C LYS B 334 -31.54 35.29 -9.51
N CYS B 335 -30.81 34.61 -10.38
CA CYS B 335 -29.36 34.38 -10.18
C CYS B 335 -28.66 35.35 -11.10
N GLY B 336 -28.21 36.47 -10.53
CA GLY B 336 -27.54 37.56 -11.22
C GLY B 336 -26.13 37.88 -10.73
N ALA B 337 -25.71 37.33 -9.57
CA ALA B 337 -24.37 37.57 -9.00
C ALA B 337 -23.31 36.66 -9.64
N ALA B 338 -22.02 37.04 -9.48
CA ALA B 338 -20.87 36.28 -9.99
C ALA B 338 -20.83 34.91 -9.33
N ILE B 339 -20.85 33.85 -10.16
CA ILE B 339 -20.70 32.47 -9.72
C ILE B 339 -19.16 32.24 -9.59
N ARG B 340 -18.66 32.26 -8.35
CA ARG B 340 -17.22 32.12 -8.08
C ARG B 340 -16.69 30.74 -8.29
N GLN B 341 -17.48 29.73 -7.89
CA GLN B 341 -17.09 28.33 -8.02
C GLN B 341 -18.32 27.41 -8.07
N THR B 342 -18.14 26.25 -8.70
CA THR B 342 -19.15 25.21 -8.86
C THR B 342 -18.54 23.93 -8.40
N SER B 343 -19.38 22.97 -8.05
CA SER B 343 -18.96 21.61 -7.66
C SER B 343 -19.99 20.57 -8.12
N PHE B 344 -19.53 19.53 -8.75
CA PHE B 344 -20.41 18.44 -9.12
C PHE B 344 -20.37 17.44 -7.95
N SER B 345 -21.51 16.76 -7.63
CA SER B 345 -21.49 15.63 -6.67
C SER B 345 -20.68 14.51 -7.36
N ARG B 346 -20.13 13.51 -6.61
CA ARG B 346 -19.30 12.48 -7.23
C ARG B 346 -19.98 11.75 -8.43
N ASP B 347 -21.30 11.48 -8.33
CA ASP B 347 -22.04 10.81 -9.40
C ASP B 347 -22.48 11.73 -10.52
N SER B 348 -22.15 13.06 -10.45
CA SER B 348 -22.50 14.10 -11.44
C SER B 348 -24.01 14.40 -11.51
N SER B 349 -24.82 13.88 -10.58
CA SER B 349 -26.28 14.11 -10.59
C SER B 349 -26.67 15.52 -10.12
N ILE B 350 -25.78 16.17 -9.36
CA ILE B 350 -26.01 17.48 -8.79
C ILE B 350 -24.84 18.39 -9.10
N LEU B 351 -25.17 19.63 -9.42
CA LEU B 351 -24.22 20.70 -9.67
C LEU B 351 -24.62 21.85 -8.75
N ILE B 352 -23.69 22.34 -7.92
CA ILE B 352 -23.91 23.45 -6.97
C ILE B 352 -23.05 24.64 -7.39
N ALA B 353 -23.64 25.83 -7.38
CA ALA B 353 -22.94 27.08 -7.70
C ALA B 353 -23.11 28.01 -6.52
N VAL B 354 -22.03 28.68 -6.10
CA VAL B 354 -22.02 29.67 -5.00
C VAL B 354 -21.70 31.06 -5.56
N CYS B 355 -22.32 32.13 -5.01
CA CYS B 355 -22.25 33.47 -5.61
C CYS B 355 -21.72 34.56 -4.71
N ASP B 356 -21.40 35.73 -5.33
CA ASP B 356 -20.96 36.95 -4.65
C ASP B 356 -22.01 37.50 -3.66
N ASP B 357 -23.32 37.21 -3.88
CA ASP B 357 -24.44 37.64 -3.03
C ASP B 357 -24.81 36.58 -1.95
N ALA B 358 -23.84 35.72 -1.57
CA ALA B 358 -23.94 34.65 -0.58
C ALA B 358 -25.01 33.60 -0.89
N SER B 359 -25.43 33.49 -2.16
CA SER B 359 -26.43 32.51 -2.51
C SER B 359 -25.83 31.22 -3.07
N ILE B 360 -26.57 30.10 -2.89
CA ILE B 360 -26.20 28.76 -3.30
C ILE B 360 -27.29 28.31 -4.27
N TRP B 361 -26.91 27.72 -5.41
CA TRP B 361 -27.89 27.29 -6.40
C TRP B 361 -27.68 25.84 -6.70
N ARG B 362 -28.73 25.05 -6.61
CA ARG B 362 -28.67 23.62 -6.85
C ARG B 362 -29.31 23.25 -8.21
N TRP B 363 -28.51 22.67 -9.12
CA TRP B 363 -28.96 22.20 -10.43
C TRP B 363 -28.89 20.66 -10.42
N ASP B 364 -30.04 20.00 -10.72
CA ASP B 364 -30.09 18.55 -10.76
C ASP B 364 -30.08 18.09 -12.18
N ARG B 365 -29.30 17.05 -12.47
CA ARG B 365 -29.19 16.49 -13.81
C ARG B 365 -30.47 15.80 -14.22
N LEU B 366 -30.98 16.13 -15.41
CA LEU B 366 -32.20 15.59 -16.03
C LEU B 366 -31.85 14.36 -16.87
N SER C 1 6.30 -27.72 -19.83
CA SER C 1 4.99 -27.16 -20.15
C SER C 1 4.38 -26.60 -18.87
N MET C 2 3.96 -27.50 -17.95
CA MET C 2 3.43 -27.16 -16.64
C MET C 2 4.63 -26.71 -15.78
N PHE C 3 5.83 -27.24 -16.09
CA PHE C 3 7.07 -26.89 -15.43
C PHE C 3 7.44 -25.45 -15.77
N SER C 4 7.55 -25.13 -17.09
CA SER C 4 7.92 -23.81 -17.59
C SER C 4 6.95 -22.72 -17.12
N SER C 5 5.65 -23.07 -17.03
CA SER C 5 4.58 -22.19 -16.53
C SER C 5 4.69 -21.97 -15.00
N ASN C 6 5.14 -22.98 -14.25
CA ASN C 6 5.32 -22.85 -12.81
C ASN C 6 6.54 -21.96 -12.50
N ARG C 7 7.67 -22.19 -13.18
CA ARG C 7 8.93 -21.42 -13.11
C ARG C 7 8.74 -19.93 -13.38
N GLN C 8 7.89 -19.58 -14.36
CA GLN C 8 7.57 -18.20 -14.74
C GLN C 8 6.77 -17.53 -13.64
N LYS C 9 5.81 -18.25 -13.04
CA LYS C 9 5.01 -17.78 -11.91
C LYS C 9 5.95 -17.53 -10.71
N ILE C 10 6.94 -18.45 -10.44
CA ILE C 10 7.95 -18.26 -9.39
C ILE C 10 8.82 -17.02 -9.75
N LEU C 11 9.25 -16.92 -11.02
CA LEU C 11 10.09 -15.82 -11.52
C LEU C 11 9.40 -14.47 -11.25
N GLU C 12 8.14 -14.33 -11.70
CA GLU C 12 7.36 -13.11 -11.59
C GLU C 12 7.06 -12.73 -10.18
N ARG C 13 6.72 -13.72 -9.32
CA ARG C 13 6.36 -13.48 -7.93
C ARG C 13 7.55 -13.24 -7.01
N THR C 14 8.71 -13.83 -7.30
CA THR C 14 9.93 -13.56 -6.51
C THR C 14 10.47 -12.22 -6.92
N GLU C 15 10.26 -11.79 -8.21
CA GLU C 15 10.66 -10.46 -8.66
C GLU C 15 9.83 -9.38 -7.97
N ILE C 16 8.55 -9.68 -7.66
CA ILE C 16 7.70 -8.75 -6.90
C ILE C 16 8.23 -8.59 -5.48
N LEU C 17 8.52 -9.72 -4.82
CA LEU C 17 9.09 -9.73 -3.47
C LEU C 17 10.50 -9.08 -3.44
N ASN C 18 11.29 -9.26 -4.48
CA ASN C 18 12.66 -8.72 -4.54
C ASN C 18 12.67 -7.20 -4.64
N GLN C 19 11.71 -6.64 -5.40
CA GLN C 19 11.53 -5.20 -5.58
C GLN C 19 11.09 -4.51 -4.29
N GLU C 20 10.35 -5.22 -3.42
CA GLU C 20 9.86 -4.73 -2.12
C GLU C 20 11.01 -4.77 -1.10
N TRP C 21 11.81 -5.85 -1.13
CA TRP C 21 13.00 -5.98 -0.30
C TRP C 21 13.99 -4.85 -0.65
N LYS C 22 14.23 -4.60 -1.97
CA LYS C 22 15.10 -3.54 -2.52
C LYS C 22 14.68 -2.14 -2.08
N GLN C 23 13.37 -1.91 -1.94
CA GLN C 23 12.81 -0.62 -1.55
C GLN C 23 12.85 -0.34 -0.03
N ARG C 24 13.37 -1.27 0.78
CA ARG C 24 13.47 -1.09 2.24
C ARG C 24 14.93 -1.08 2.71
N ARG C 25 15.15 -0.60 3.95
CA ARG C 25 16.47 -0.44 4.57
C ARG C 25 16.41 -0.93 6.03
N ILE C 26 16.49 -2.25 6.23
CA ILE C 26 16.40 -2.86 7.56
C ILE C 26 17.73 -2.73 8.30
N GLN C 27 17.68 -2.17 9.54
CA GLN C 27 18.81 -1.93 10.45
C GLN C 27 19.74 -3.15 10.59
N PRO C 28 21.08 -2.96 10.70
CA PRO C 28 21.98 -4.12 10.85
C PRO C 28 21.92 -4.69 12.27
N VAL C 29 22.14 -6.01 12.40
CA VAL C 29 22.15 -6.74 13.66
C VAL C 29 23.56 -7.35 13.91
N SER D 1 -6.70 9.38 -32.62
CA SER D 1 -6.52 10.81 -32.49
C SER D 1 -5.86 11.17 -31.16
N MET D 2 -5.53 12.46 -30.94
CA MET D 2 -4.98 12.97 -29.68
C MET D 2 -6.08 12.88 -28.62
N PHE D 3 -7.28 13.40 -28.97
CA PHE D 3 -8.48 13.37 -28.12
C PHE D 3 -8.77 11.95 -27.63
N SER D 4 -8.79 10.98 -28.55
CA SER D 4 -9.06 9.55 -28.30
C SER D 4 -8.13 8.91 -27.27
N SER D 5 -6.80 9.06 -27.45
CA SER D 5 -5.81 8.49 -26.53
C SER D 5 -5.89 9.18 -25.17
N ASN D 6 -6.03 10.51 -25.14
CA ASN D 6 -6.18 11.28 -23.89
C ASN D 6 -7.43 10.82 -23.13
N ARG D 7 -8.53 10.51 -23.84
CA ARG D 7 -9.76 10.04 -23.21
C ARG D 7 -9.56 8.70 -22.55
N GLN D 8 -8.74 7.82 -23.17
CA GLN D 8 -8.44 6.49 -22.65
C GLN D 8 -7.56 6.58 -21.42
N LYS D 9 -6.70 7.60 -21.37
CA LYS D 9 -5.79 7.88 -20.26
C LYS D 9 -6.62 8.28 -19.03
N ILE D 10 -7.59 9.20 -19.23
CA ILE D 10 -8.54 9.65 -18.21
C ILE D 10 -9.35 8.43 -17.73
N LEU D 11 -9.94 7.67 -18.68
CA LEU D 11 -10.76 6.49 -18.39
C LEU D 11 -9.99 5.51 -17.49
N GLU D 12 -8.77 5.11 -17.88
CA GLU D 12 -7.95 4.17 -17.12
C GLU D 12 -7.54 4.69 -15.76
N ARG D 13 -7.11 5.94 -15.67
CA ARG D 13 -6.64 6.55 -14.43
C ARG D 13 -7.77 6.86 -13.44
N THR D 14 -8.92 7.39 -13.90
CA THR D 14 -10.08 7.65 -13.01
C THR D 14 -10.60 6.29 -12.51
N GLU D 15 -10.52 5.24 -13.37
CA GLU D 15 -10.92 3.88 -12.99
C GLU D 15 -10.07 3.36 -11.84
N ILE D 16 -8.75 3.66 -11.83
CA ILE D 16 -7.84 3.27 -10.75
C ILE D 16 -8.31 3.96 -9.45
N LEU D 17 -8.63 5.27 -9.52
CA LEU D 17 -9.13 6.10 -8.41
C LEU D 17 -10.48 5.61 -7.94
N ASN D 18 -11.34 5.17 -8.89
CA ASN D 18 -12.69 4.68 -8.54
C ASN D 18 -12.60 3.37 -7.80
N GLN D 19 -11.67 2.48 -8.22
CA GLN D 19 -11.44 1.22 -7.55
C GLN D 19 -10.87 1.43 -6.15
N GLU D 20 -10.09 2.51 -5.93
CA GLU D 20 -9.52 2.77 -4.59
C GLU D 20 -10.63 3.26 -3.65
N TRP D 21 -11.44 4.21 -4.12
CA TRP D 21 -12.63 4.72 -3.44
C TRP D 21 -13.63 3.57 -3.10
N LYS D 22 -13.86 2.63 -4.04
CA LYS D 22 -14.75 1.49 -3.82
C LYS D 22 -14.34 0.63 -2.63
N GLN D 23 -13.01 0.44 -2.38
CA GLN D 23 -12.51 -0.36 -1.26
C GLN D 23 -12.61 0.40 0.08
N ARG D 24 -12.80 1.73 0.04
CA ARG D 24 -12.89 2.57 1.24
C ARG D 24 -14.32 2.70 1.81
N ARG D 25 -14.39 2.98 3.12
CA ARG D 25 -15.65 3.15 3.83
C ARG D 25 -15.50 4.29 4.78
N ILE D 26 -15.46 5.50 4.20
CA ILE D 26 -15.28 6.74 4.93
C ILE D 26 -16.58 7.01 5.70
N GLN D 27 -16.40 7.28 7.01
CA GLN D 27 -17.46 7.54 7.99
C GLN D 27 -18.28 8.77 7.54
N PRO D 28 -19.63 8.71 7.61
CA PRO D 28 -20.44 9.87 7.15
C PRO D 28 -20.32 11.07 8.07
N VAL D 29 -20.61 12.29 7.53
CA VAL D 29 -20.57 13.52 8.31
C VAL D 29 -21.91 13.74 9.06
#